data_1V2A
#
_entry.id   1V2A
#
_cell.length_a   48.203
_cell.length_b   88.136
_cell.length_c   200.446
_cell.angle_alpha   90.00
_cell.angle_beta   90.00
_cell.angle_gamma   90.00
#
_symmetry.space_group_name_H-M   'P 21 21 21'
#
loop_
_entity.id
_entity.type
_entity.pdbx_description
1 polymer 'glutathione transferase gst1-6'
2 non-polymer 'GLUTATHIONE SULFONIC ACID'
3 water water
#
_entity_poly.entity_id   1
_entity_poly.type   'polypeptide(L)'
_entity_poly.pdbx_seq_one_letter_code
;MDYYYSLISPPCQSAILLAKKLGITLNLKKTNVHDPVERDALTKLNPQHTIPTLVDNGHVVWESYAIVLYLVETYAKDDT
LYPKDPKVRSVVNQRLFFDIGTLYKRIIDVIHLVMKKEQPSDEQMEKLKGALDLLEQFVTERAYAAADHLTVADICLLGT
VTALNWLKHDLEPFPHIRAWLERVRAEMPDYEEFSKQVADDTLAYVASRK
;
_entity_poly.pdbx_strand_id   A,B,C,D
#
# COMPACT_ATOMS: atom_id res chain seq x y z
N MET A 1 35.19 -11.09 9.19
CA MET A 1 35.18 -10.40 7.88
C MET A 1 34.33 -9.14 7.94
N ASP A 2 34.70 -8.13 7.15
CA ASP A 2 33.95 -6.89 7.14
C ASP A 2 33.00 -6.87 5.95
N TYR A 3 31.87 -6.18 6.11
CA TYR A 3 30.87 -6.11 5.06
C TYR A 3 30.21 -4.73 4.98
N TYR A 4 30.62 -3.95 3.98
CA TYR A 4 30.07 -2.61 3.77
C TYR A 4 28.76 -2.76 3.00
N TYR A 5 27.69 -2.21 3.55
CA TYR A 5 26.39 -2.35 2.92
C TYR A 5 25.36 -1.33 3.39
N SER A 6 24.12 -1.59 2.98
CA SER A 6 22.94 -0.81 3.32
C SER A 6 21.80 -1.81 3.14
N LEU A 7 21.04 -2.06 4.20
CA LEU A 7 19.96 -3.05 4.17
C LEU A 7 18.93 -2.79 3.08
N ILE A 8 18.81 -1.53 2.68
CA ILE A 8 17.85 -1.15 1.66
C ILE A 8 18.36 -1.54 0.27
N SER A 9 19.64 -1.87 0.19
CA SER A 9 20.24 -2.26 -1.08
C SER A 9 20.02 -3.73 -1.43
N PRO A 10 19.11 -4.02 -2.39
CA PRO A 10 18.80 -5.40 -2.82
C PRO A 10 20.04 -6.27 -2.98
N PRO A 11 21.04 -5.80 -3.75
CA PRO A 11 22.26 -6.60 -3.93
C PRO A 11 22.95 -6.85 -2.59
N CYS A 12 22.83 -5.90 -1.68
CA CYS A 12 23.45 -6.03 -0.35
C CYS A 12 22.80 -7.10 0.49
N GLN A 13 21.58 -7.48 0.11
CA GLN A 13 20.83 -8.49 0.84
C GLN A 13 21.33 -9.91 0.61
N SER A 14 21.75 -10.21 -0.60
CA SER A 14 22.22 -11.55 -0.94
C SER A 14 23.16 -12.16 0.11
N ALA A 15 24.33 -11.56 0.30
CA ALA A 15 25.30 -12.09 1.27
C ALA A 15 24.75 -12.17 2.69
N ILE A 16 23.94 -11.19 3.09
CA ILE A 16 23.35 -11.19 4.43
C ILE A 16 22.53 -12.44 4.64
N LEU A 17 21.71 -12.78 3.66
CA LEU A 17 20.90 -13.98 3.78
C LEU A 17 21.81 -15.20 3.75
N LEU A 18 22.81 -15.17 2.87
CA LEU A 18 23.74 -16.29 2.74
C LEU A 18 24.47 -16.55 4.06
N ALA A 19 25.00 -15.48 4.67
CA ALA A 19 25.72 -15.60 5.93
C ALA A 19 24.88 -16.33 6.98
N LYS A 20 23.62 -15.94 7.14
CA LYS A 20 22.76 -16.59 8.13
C LYS A 20 22.57 -18.06 7.76
N LYS A 21 22.37 -18.30 6.48
CA LYS A 21 22.19 -19.65 5.98
C LYS A 21 23.37 -20.52 6.39
N LEU A 22 24.56 -20.09 6.04
CA LEU A 22 25.77 -20.85 6.35
C LEU A 22 26.20 -20.69 7.80
N GLY A 23 25.49 -19.84 8.54
CA GLY A 23 25.86 -19.64 9.92
C GLY A 23 27.11 -18.79 10.05
N ILE A 24 27.43 -18.07 8.98
CA ILE A 24 28.58 -17.18 8.96
C ILE A 24 28.23 -15.89 9.70
N THR A 25 29.18 -15.37 10.47
CA THR A 25 28.95 -14.13 11.20
C THR A 25 29.73 -12.98 10.57
N LEU A 26 29.00 -11.97 10.12
CA LEU A 26 29.62 -10.81 9.48
C LEU A 26 29.72 -9.63 10.42
N ASN A 27 30.68 -8.77 10.16
CA ASN A 27 30.88 -7.57 10.96
C ASN A 27 30.30 -6.42 10.14
N LEU A 28 28.98 -6.29 10.19
CA LEU A 28 28.29 -5.26 9.45
C LEU A 28 28.82 -3.86 9.69
N LYS A 29 28.86 -3.08 8.63
CA LYS A 29 29.33 -1.71 8.68
C LYS A 29 28.53 -0.88 7.70
N LYS A 30 27.48 -0.26 8.21
CA LYS A 30 26.56 0.57 7.45
C LYS A 30 27.37 1.60 6.69
N THR A 31 27.15 1.65 5.39
CA THR A 31 27.87 2.56 4.51
C THR A 31 26.99 3.51 3.73
N ASN A 32 27.43 4.77 3.68
CA ASN A 32 26.72 5.82 2.96
C ASN A 32 27.54 6.18 1.73
N VAL A 33 27.26 5.53 0.61
CA VAL A 33 27.99 5.78 -0.63
C VAL A 33 27.86 7.20 -1.19
N HIS A 34 27.22 8.08 -0.44
CA HIS A 34 27.08 9.46 -0.90
C HIS A 34 27.89 10.37 0.01
N ASP A 35 28.52 9.79 1.02
CA ASP A 35 29.34 10.56 1.94
C ASP A 35 30.79 10.60 1.44
N PRO A 36 31.24 11.78 1.00
CA PRO A 36 32.61 11.97 0.49
C PRO A 36 33.66 11.37 1.42
N VAL A 37 33.36 11.34 2.71
CA VAL A 37 34.29 10.79 3.69
C VAL A 37 34.27 9.26 3.70
N GLU A 38 33.10 8.69 3.46
CA GLU A 38 32.96 7.24 3.45
C GLU A 38 33.35 6.61 2.12
N ARG A 39 33.19 7.35 1.03
CA ARG A 39 33.54 6.88 -0.30
C ARG A 39 35.05 6.63 -0.40
N ASP A 40 35.83 7.59 0.06
CA ASP A 40 37.28 7.49 0.04
C ASP A 40 37.74 6.17 0.63
N ALA A 41 37.50 5.99 1.92
CA ALA A 41 37.90 4.78 2.62
C ALA A 41 37.44 3.53 1.88
N LEU A 42 36.22 3.57 1.34
CA LEU A 42 35.66 2.43 0.61
C LEU A 42 36.45 2.24 -0.66
N THR A 43 36.75 3.35 -1.33
CA THR A 43 37.50 3.34 -2.57
C THR A 43 38.89 2.76 -2.40
N LYS A 44 39.50 3.02 -1.24
CA LYS A 44 40.85 2.52 -0.95
C LYS A 44 40.80 0.99 -1.01
N LEU A 45 39.61 0.44 -0.80
CA LEU A 45 39.41 -1.01 -0.82
C LEU A 45 38.86 -1.47 -2.16
N ASN A 46 37.81 -0.81 -2.59
CA ASN A 46 37.12 -1.10 -3.84
C ASN A 46 37.06 0.21 -4.62
N PRO A 47 37.87 0.34 -5.69
CA PRO A 47 37.91 1.55 -6.53
C PRO A 47 36.58 1.92 -7.20
N GLN A 48 35.72 0.94 -7.42
CA GLN A 48 34.44 1.25 -8.04
C GLN A 48 33.53 1.84 -6.96
N HIS A 49 34.00 1.73 -5.73
CA HIS A 49 33.28 2.23 -4.55
C HIS A 49 31.79 1.97 -4.58
N THR A 50 31.42 0.68 -4.62
CA THR A 50 30.02 0.29 -4.61
C THR A 50 29.79 -0.73 -3.50
N ILE A 51 28.56 -0.81 -3.01
CA ILE A 51 28.23 -1.79 -2.00
C ILE A 51 27.32 -2.81 -2.69
N PRO A 52 27.36 -4.07 -2.24
CA PRO A 52 28.19 -4.56 -1.14
C PRO A 52 29.67 -4.68 -1.46
N THR A 53 30.48 -4.77 -0.41
CA THR A 53 31.91 -4.95 -0.51
C THR A 53 32.37 -5.74 0.69
N LEU A 54 32.96 -6.90 0.43
CA LEU A 54 33.44 -7.77 1.49
C LEU A 54 34.95 -7.67 1.66
N VAL A 55 35.39 -7.74 2.92
CA VAL A 55 36.81 -7.70 3.25
C VAL A 55 37.02 -8.86 4.23
N ASP A 56 37.62 -9.95 3.75
CA ASP A 56 37.84 -11.12 4.58
C ASP A 56 39.30 -11.53 4.68
N ASN A 57 39.85 -11.51 5.89
CA ASN A 57 41.25 -11.86 6.10
C ASN A 57 42.13 -10.89 5.30
N GLY A 58 41.58 -9.74 4.94
CA GLY A 58 42.33 -8.76 4.16
C GLY A 58 42.04 -8.85 2.66
N HIS A 59 41.35 -9.92 2.25
CA HIS A 59 41.02 -10.12 0.84
C HIS A 59 39.71 -9.41 0.49
N VAL A 60 39.76 -8.53 -0.51
CA VAL A 60 38.58 -7.77 -0.91
C VAL A 60 37.77 -8.38 -2.05
N VAL A 61 36.46 -8.33 -1.90
CA VAL A 61 35.54 -8.86 -2.91
C VAL A 61 34.34 -7.92 -3.05
N TRP A 62 33.98 -7.57 -4.28
CA TRP A 62 32.81 -6.73 -4.48
C TRP A 62 32.02 -7.30 -5.63
N GLU A 63 30.75 -6.90 -5.70
CA GLU A 63 29.76 -7.41 -6.65
C GLU A 63 29.10 -8.53 -5.83
N SER A 64 27.86 -8.32 -5.41
CA SER A 64 27.15 -9.31 -4.61
C SER A 64 27.40 -10.73 -5.09
N TYR A 65 27.22 -10.97 -6.38
CA TYR A 65 27.41 -12.31 -6.92
C TYR A 65 28.80 -12.88 -6.63
N ALA A 66 29.82 -12.03 -6.65
CA ALA A 66 31.18 -12.51 -6.39
C ALA A 66 31.37 -12.72 -4.89
N ILE A 67 30.65 -11.96 -4.09
CA ILE A 67 30.70 -12.09 -2.64
C ILE A 67 30.07 -13.42 -2.23
N VAL A 68 28.87 -13.66 -2.75
CA VAL A 68 28.13 -14.87 -2.45
C VAL A 68 28.87 -16.15 -2.81
N LEU A 69 29.43 -16.19 -4.03
CA LEU A 69 30.15 -17.38 -4.47
C LEU A 69 31.43 -17.61 -3.65
N TYR A 70 32.09 -16.52 -3.27
CA TYR A 70 33.30 -16.61 -2.47
C TYR A 70 32.97 -17.21 -1.10
N LEU A 71 31.88 -16.72 -0.51
CA LEU A 71 31.46 -17.19 0.80
C LEU A 71 31.17 -18.68 0.78
N VAL A 72 30.38 -19.13 -0.18
CA VAL A 72 30.03 -20.55 -0.30
C VAL A 72 31.27 -21.42 -0.46
N GLU A 73 32.17 -21.05 -1.36
CA GLU A 73 33.37 -21.83 -1.59
C GLU A 73 34.23 -21.85 -0.34
N THR A 74 34.35 -20.68 0.29
CA THR A 74 35.18 -20.52 1.47
C THR A 74 34.61 -20.95 2.82
N TYR A 75 33.29 -20.94 2.97
CA TYR A 75 32.71 -21.30 4.28
C TYR A 75 31.61 -22.35 4.31
N ALA A 76 31.08 -22.73 3.16
CA ALA A 76 30.03 -23.74 3.13
C ALA A 76 30.63 -25.12 3.40
N LYS A 77 29.98 -25.87 4.27
CA LYS A 77 30.45 -27.20 4.61
C LYS A 77 30.08 -28.21 3.53
N ASP A 78 29.31 -27.77 2.55
CA ASP A 78 28.90 -28.64 1.44
C ASP A 78 28.79 -27.81 0.16
N ASP A 79 28.49 -28.47 -0.96
CA ASP A 79 28.39 -27.78 -2.24
C ASP A 79 26.97 -27.65 -2.74
N THR A 80 26.01 -28.00 -1.88
CA THR A 80 24.59 -27.94 -2.22
C THR A 80 24.15 -26.59 -2.76
N LEU A 81 24.70 -25.50 -2.21
CA LEU A 81 24.34 -24.16 -2.65
C LEU A 81 24.95 -23.74 -3.99
N TYR A 82 26.03 -24.42 -4.37
CA TYR A 82 26.73 -24.17 -5.63
C TYR A 82 27.32 -25.49 -6.11
N PRO A 83 26.46 -26.39 -6.60
CA PRO A 83 26.83 -27.72 -7.11
C PRO A 83 28.04 -27.73 -8.05
N LYS A 84 28.84 -28.79 -7.97
CA LYS A 84 30.02 -28.93 -8.82
C LYS A 84 29.71 -29.58 -10.16
N ASP A 85 28.62 -30.32 -10.23
CA ASP A 85 28.24 -30.94 -11.50
C ASP A 85 28.12 -29.80 -12.50
N PRO A 86 29.01 -29.75 -13.51
CA PRO A 86 28.96 -28.67 -14.51
C PRO A 86 27.60 -28.51 -15.19
N LYS A 87 26.81 -29.57 -15.21
CA LYS A 87 25.48 -29.55 -15.83
C LYS A 87 24.44 -28.86 -14.95
N VAL A 88 24.74 -28.76 -13.65
CA VAL A 88 23.84 -28.10 -12.71
C VAL A 88 24.32 -26.68 -12.52
N ARG A 89 25.61 -26.54 -12.27
CA ARG A 89 26.22 -25.24 -12.07
C ARG A 89 25.96 -24.27 -13.21
N SER A 90 25.95 -24.76 -14.45
CA SER A 90 25.72 -23.88 -15.59
C SER A 90 24.31 -23.29 -15.51
N VAL A 91 23.41 -23.98 -14.84
CA VAL A 91 22.05 -23.48 -14.70
C VAL A 91 22.07 -22.37 -13.65
N VAL A 92 22.84 -22.59 -12.58
CA VAL A 92 22.97 -21.59 -11.52
C VAL A 92 23.60 -20.33 -12.10
N ASN A 93 24.71 -20.52 -12.83
CA ASN A 93 25.42 -19.41 -13.44
C ASN A 93 24.52 -18.64 -14.38
N GLN A 94 23.85 -19.36 -15.29
CA GLN A 94 22.96 -18.72 -16.22
C GLN A 94 21.97 -17.85 -15.47
N ARG A 95 21.41 -18.38 -14.38
CA ARG A 95 20.44 -17.62 -13.58
C ARG A 95 21.10 -16.42 -12.88
N LEU A 96 22.36 -16.56 -12.48
CA LEU A 96 23.03 -15.45 -11.81
C LEU A 96 23.24 -14.31 -12.78
N PHE A 97 23.71 -14.63 -13.99
CA PHE A 97 23.93 -13.60 -14.99
C PHE A 97 22.60 -13.10 -15.56
N PHE A 98 21.56 -13.91 -15.37
CA PHE A 98 20.22 -13.55 -15.79
C PHE A 98 19.74 -12.50 -14.79
N ASP A 99 20.07 -12.73 -13.52
CA ASP A 99 19.69 -11.85 -12.44
C ASP A 99 20.25 -10.45 -12.62
N ILE A 100 21.57 -10.34 -12.80
CA ILE A 100 22.19 -9.02 -12.94
C ILE A 100 22.01 -8.36 -14.29
N GLY A 101 21.99 -9.15 -15.37
CA GLY A 101 21.86 -8.58 -16.70
C GLY A 101 20.47 -8.47 -17.32
N THR A 102 19.50 -9.13 -16.73
CA THR A 102 18.16 -9.08 -17.28
C THR A 102 17.10 -8.70 -16.25
N LEU A 103 16.79 -9.63 -15.35
CA LEU A 103 15.75 -9.39 -14.35
C LEU A 103 15.93 -8.17 -13.46
N TYR A 104 16.96 -8.15 -12.63
CA TYR A 104 17.14 -7.01 -11.75
C TYR A 104 17.40 -5.71 -12.50
N LYS A 105 18.04 -5.84 -13.66
CA LYS A 105 18.36 -4.68 -14.48
C LYS A 105 17.09 -3.90 -14.81
N ARG A 106 16.11 -4.59 -15.38
CA ARG A 106 14.87 -3.97 -15.75
C ARG A 106 14.05 -3.50 -14.55
N ILE A 107 14.22 -4.16 -13.41
CA ILE A 107 13.49 -3.78 -12.19
C ILE A 107 14.09 -2.50 -11.64
N ILE A 108 15.42 -2.47 -11.57
CA ILE A 108 16.12 -1.32 -11.04
C ILE A 108 15.87 -0.06 -11.86
N ASP A 109 15.72 -0.21 -13.17
CA ASP A 109 15.48 0.93 -14.04
C ASP A 109 14.15 1.63 -13.75
N VAL A 110 13.10 0.83 -13.56
CA VAL A 110 11.77 1.37 -13.28
C VAL A 110 11.75 2.00 -11.90
N ILE A 111 12.45 1.38 -10.95
CA ILE A 111 12.52 1.90 -9.59
C ILE A 111 13.21 3.26 -9.60
N HIS A 112 14.38 3.30 -10.21
CA HIS A 112 15.14 4.55 -10.30
C HIS A 112 14.25 5.66 -10.84
N LEU A 113 13.56 5.39 -11.93
CA LEU A 113 12.66 6.37 -12.53
C LEU A 113 11.54 6.70 -11.54
N VAL A 114 10.85 5.65 -11.09
CA VAL A 114 9.75 5.81 -10.15
C VAL A 114 10.11 6.74 -8.99
N MET A 115 11.38 6.75 -8.62
CA MET A 115 11.83 7.61 -7.53
C MET A 115 11.88 9.04 -8.06
N LYS A 116 12.43 9.17 -9.27
CA LYS A 116 12.54 10.47 -9.92
C LYS A 116 11.11 10.96 -10.14
N LYS A 117 10.16 10.05 -9.97
CA LYS A 117 8.73 10.33 -10.13
C LYS A 117 8.39 10.57 -11.60
N GLU A 118 8.89 9.69 -12.46
CA GLU A 118 8.64 9.81 -13.90
C GLU A 118 8.16 8.51 -14.54
N GLN A 119 7.12 8.66 -15.36
CA GLN A 119 6.49 7.54 -16.07
C GLN A 119 7.43 6.65 -16.89
N PRO A 120 7.48 5.35 -16.56
CA PRO A 120 8.34 4.41 -17.29
C PRO A 120 7.64 4.12 -18.61
N SER A 121 8.37 4.27 -19.72
CA SER A 121 7.79 4.03 -21.04
C SER A 121 6.89 2.80 -21.04
N ASP A 122 5.86 2.82 -21.89
CA ASP A 122 4.93 1.70 -21.98
C ASP A 122 5.62 0.52 -22.65
N GLU A 123 6.94 0.53 -22.64
CA GLU A 123 7.71 -0.54 -23.25
C GLU A 123 8.83 -1.05 -22.35
N GLN A 124 9.13 -0.29 -21.29
CA GLN A 124 10.15 -0.72 -20.34
C GLN A 124 9.49 -1.81 -19.51
N MET A 125 8.19 -1.63 -19.28
CA MET A 125 7.40 -2.57 -18.50
C MET A 125 7.39 -3.90 -19.23
N GLU A 126 7.41 -3.84 -20.56
CA GLU A 126 7.40 -5.03 -21.39
C GLU A 126 8.59 -5.90 -21.02
N LYS A 127 9.78 -5.33 -21.07
CA LYS A 127 10.99 -6.06 -20.75
C LYS A 127 10.94 -6.54 -19.30
N LEU A 128 10.30 -5.74 -18.45
CA LEU A 128 10.14 -6.06 -17.03
C LEU A 128 9.29 -7.32 -16.95
N LYS A 129 8.06 -7.19 -17.42
CA LYS A 129 7.09 -8.28 -17.44
C LYS A 129 7.65 -9.48 -18.18
N GLY A 130 8.48 -9.19 -19.18
CA GLY A 130 9.10 -10.26 -19.97
C GLY A 130 10.17 -10.97 -19.17
N ALA A 131 10.82 -10.22 -18.28
CA ALA A 131 11.86 -10.78 -17.44
C ALA A 131 11.20 -11.77 -16.47
N LEU A 132 10.11 -11.32 -15.86
CA LEU A 132 9.35 -12.13 -14.90
C LEU A 132 8.81 -13.39 -15.58
N ASP A 133 8.31 -13.25 -16.80
CA ASP A 133 7.79 -14.42 -17.52
C ASP A 133 8.85 -15.52 -17.51
N LEU A 134 10.07 -15.16 -17.87
CA LEU A 134 11.18 -16.11 -17.88
C LEU A 134 11.33 -16.76 -16.51
N LEU A 135 11.36 -15.95 -15.46
CA LEU A 135 11.50 -16.49 -14.11
C LEU A 135 10.32 -17.40 -13.76
N GLU A 136 9.12 -17.02 -14.20
CA GLU A 136 7.92 -17.83 -13.94
C GLU A 136 8.14 -19.23 -14.51
N GLN A 137 8.77 -19.31 -15.66
CA GLN A 137 9.07 -20.58 -16.32
C GLN A 137 10.12 -21.37 -15.54
N PHE A 138 11.20 -20.70 -15.16
CA PHE A 138 12.28 -21.33 -14.40
C PHE A 138 11.72 -22.05 -13.17
N VAL A 139 10.82 -21.38 -12.45
CA VAL A 139 10.27 -21.97 -11.25
C VAL A 139 8.98 -22.76 -11.49
N THR A 140 8.86 -23.26 -12.71
CA THR A 140 7.73 -24.07 -13.11
C THR A 140 8.36 -25.43 -13.41
N GLU A 141 9.45 -25.40 -14.15
CA GLU A 141 10.17 -26.64 -14.49
C GLU A 141 10.66 -27.29 -13.19
N ARG A 142 11.13 -26.48 -12.26
CA ARG A 142 11.60 -27.00 -10.98
C ARG A 142 10.99 -26.18 -9.85
N ALA A 143 11.20 -26.63 -8.61
CA ALA A 143 10.68 -25.93 -7.43
C ALA A 143 11.62 -24.81 -6.98
N TYR A 144 12.85 -24.86 -7.47
CA TYR A 144 13.85 -23.84 -7.16
C TYR A 144 14.37 -23.17 -8.42
N ALA A 145 15.07 -22.05 -8.24
CA ALA A 145 15.59 -21.27 -9.36
C ALA A 145 16.44 -21.99 -10.39
N ALA A 146 17.43 -22.74 -9.95
CA ALA A 146 18.31 -23.42 -10.90
C ALA A 146 18.63 -24.85 -10.53
N ALA A 147 17.70 -25.49 -9.83
CA ALA A 147 17.90 -26.87 -9.39
C ALA A 147 16.69 -27.36 -8.62
N ASP A 148 16.67 -28.64 -8.28
CA ASP A 148 15.56 -29.20 -7.54
C ASP A 148 15.64 -28.86 -6.04
N HIS A 149 16.63 -28.04 -5.68
CA HIS A 149 16.81 -27.59 -4.30
C HIS A 149 17.38 -26.16 -4.30
N LEU A 150 17.41 -25.53 -3.13
CA LEU A 150 17.92 -24.16 -3.00
C LEU A 150 19.40 -24.00 -3.36
N THR A 151 19.70 -22.94 -4.13
CA THR A 151 21.08 -22.62 -4.54
C THR A 151 21.27 -21.11 -4.32
N VAL A 152 22.47 -20.60 -4.58
CA VAL A 152 22.72 -19.17 -4.42
C VAL A 152 21.98 -18.37 -5.49
N ALA A 153 21.40 -19.08 -6.46
CA ALA A 153 20.62 -18.42 -7.51
C ALA A 153 19.29 -17.98 -6.90
N ASP A 154 18.77 -18.79 -5.98
CA ASP A 154 17.51 -18.50 -5.29
C ASP A 154 17.67 -17.29 -4.36
N ILE A 155 18.81 -17.22 -3.70
CA ILE A 155 19.09 -16.14 -2.76
C ILE A 155 19.21 -14.79 -3.46
N CYS A 156 19.87 -14.78 -4.61
CA CYS A 156 20.04 -13.55 -5.38
C CYS A 156 18.72 -13.14 -6.02
N LEU A 157 18.05 -14.10 -6.68
CA LEU A 157 16.77 -13.85 -7.33
C LEU A 157 15.68 -13.44 -6.36
N LEU A 158 15.81 -13.88 -5.10
CA LEU A 158 14.82 -13.54 -4.08
C LEU A 158 14.91 -12.05 -3.79
N GLY A 159 16.14 -11.56 -3.66
CA GLY A 159 16.33 -10.14 -3.40
C GLY A 159 15.79 -9.27 -4.52
N THR A 160 16.03 -9.69 -5.75
CA THR A 160 15.56 -8.93 -6.89
C THR A 160 14.03 -8.89 -6.99
N VAL A 161 13.39 -10.02 -6.74
CA VAL A 161 11.94 -10.09 -6.81
C VAL A 161 11.24 -9.35 -5.66
N THR A 162 11.74 -9.51 -4.43
CA THR A 162 11.12 -8.83 -3.29
C THR A 162 11.32 -7.32 -3.42
N ALA A 163 12.23 -6.92 -4.32
CA ALA A 163 12.53 -5.50 -4.55
C ALA A 163 11.40 -4.90 -5.37
N LEU A 164 10.56 -5.75 -5.94
CA LEU A 164 9.43 -5.26 -6.71
C LEU A 164 8.46 -4.53 -5.78
N ASN A 165 8.82 -4.46 -4.49
CA ASN A 165 7.99 -3.79 -3.50
C ASN A 165 8.00 -2.28 -3.65
N TRP A 166 9.14 -1.72 -4.03
CA TRP A 166 9.27 -0.28 -4.24
C TRP A 166 8.15 0.13 -5.18
N LEU A 167 8.15 -0.49 -6.36
CA LEU A 167 7.12 -0.24 -7.35
C LEU A 167 5.98 -1.10 -6.83
N LYS A 168 4.78 -0.87 -7.34
CA LYS A 168 3.68 -1.73 -6.91
C LYS A 168 3.41 -2.69 -8.04
N HIS A 169 3.98 -3.88 -7.91
CA HIS A 169 3.83 -4.90 -8.95
C HIS A 169 3.01 -6.07 -8.46
N ASP A 170 1.82 -6.22 -9.03
CA ASP A 170 0.94 -7.31 -8.68
C ASP A 170 1.58 -8.63 -9.12
N LEU A 171 1.75 -9.55 -8.18
CA LEU A 171 2.34 -10.85 -8.46
C LEU A 171 1.27 -11.90 -8.78
N GLU A 172 0.01 -11.50 -8.74
CA GLU A 172 -1.10 -12.42 -9.01
C GLU A 172 -0.90 -13.23 -10.29
N PRO A 173 -0.48 -12.58 -11.39
CA PRO A 173 -0.27 -13.34 -12.63
C PRO A 173 0.87 -14.35 -12.58
N PHE A 174 1.68 -14.30 -11.54
CA PHE A 174 2.80 -15.23 -11.43
C PHE A 174 2.72 -16.15 -10.20
N PRO A 175 1.81 -17.14 -10.24
CA PRO A 175 1.61 -18.09 -9.14
C PRO A 175 2.89 -18.83 -8.75
N HIS A 176 3.56 -19.41 -9.73
CA HIS A 176 4.79 -20.15 -9.45
C HIS A 176 5.81 -19.26 -8.74
N ILE A 177 5.94 -18.02 -9.19
CA ILE A 177 6.88 -17.12 -8.54
C ILE A 177 6.43 -16.94 -7.10
N ARG A 178 5.12 -16.85 -6.89
CA ARG A 178 4.60 -16.70 -5.54
C ARG A 178 4.95 -17.95 -4.72
N ALA A 179 4.63 -19.11 -5.26
CA ALA A 179 4.91 -20.37 -4.58
C ALA A 179 6.40 -20.47 -4.28
N TRP A 180 7.23 -20.11 -5.24
CA TRP A 180 8.68 -20.14 -5.11
C TRP A 180 9.18 -19.20 -4.00
N LEU A 181 8.67 -17.96 -3.99
CA LEU A 181 9.06 -16.99 -2.96
C LEU A 181 8.84 -17.57 -1.56
N GLU A 182 7.62 -18.04 -1.31
CA GLU A 182 7.26 -18.61 -0.02
C GLU A 182 8.19 -19.77 0.34
N ARG A 183 8.44 -20.66 -0.61
CA ARG A 183 9.32 -21.80 -0.35
C ARG A 183 10.75 -21.39 -0.04
N VAL A 184 11.29 -20.42 -0.77
CA VAL A 184 12.66 -19.99 -0.53
C VAL A 184 12.78 -19.21 0.76
N ARG A 185 11.82 -18.34 1.04
CA ARG A 185 11.93 -17.58 2.27
C ARG A 185 11.72 -18.52 3.45
N ALA A 186 10.98 -19.59 3.23
CA ALA A 186 10.74 -20.57 4.29
C ALA A 186 12.03 -21.29 4.67
N GLU A 187 13.09 -21.10 3.88
CA GLU A 187 14.36 -21.76 4.18
C GLU A 187 15.44 -20.76 4.60
N MET A 188 15.08 -19.50 4.69
CA MET A 188 16.01 -18.47 5.09
C MET A 188 15.89 -18.18 6.58
N PRO A 189 16.91 -18.59 7.37
CA PRO A 189 16.92 -18.37 8.82
C PRO A 189 16.79 -16.90 9.20
N ASP A 190 15.99 -16.61 10.22
CA ASP A 190 15.81 -15.24 10.69
C ASP A 190 15.16 -14.34 9.64
N TYR A 191 14.57 -14.95 8.62
CA TYR A 191 13.94 -14.18 7.54
C TYR A 191 12.93 -13.13 7.95
N GLU A 192 11.96 -13.51 8.77
CA GLU A 192 10.90 -12.60 9.23
C GLU A 192 11.43 -11.27 9.76
N GLU A 193 12.45 -11.35 10.61
CA GLU A 193 13.06 -10.16 11.20
C GLU A 193 13.64 -9.34 10.06
N PHE A 194 14.39 -10.02 9.21
CA PHE A 194 15.00 -9.40 8.04
C PHE A 194 13.95 -8.69 7.20
N SER A 195 12.85 -9.38 6.94
CA SER A 195 11.77 -8.83 6.14
C SER A 195 11.17 -7.54 6.70
N LYS A 196 11.05 -7.47 8.02
CA LYS A 196 10.48 -6.30 8.68
C LYS A 196 11.32 -5.06 8.44
N GLN A 197 12.59 -5.10 8.83
CA GLN A 197 13.48 -3.97 8.65
C GLN A 197 13.48 -3.53 7.21
N VAL A 198 13.83 -4.44 6.31
CA VAL A 198 13.85 -4.13 4.90
C VAL A 198 12.56 -3.49 4.47
N ALA A 199 11.44 -4.07 4.90
CA ALA A 199 10.14 -3.52 4.54
C ALA A 199 9.93 -2.14 5.13
N ASP A 200 10.28 -1.98 6.40
CA ASP A 200 10.11 -0.70 7.06
C ASP A 200 11.09 0.36 6.56
N ASP A 201 12.35 -0.03 6.36
CA ASP A 201 13.36 0.90 5.88
C ASP A 201 12.99 1.55 4.54
N THR A 202 12.47 0.75 3.61
CA THR A 202 12.11 1.27 2.30
C THR A 202 11.07 2.39 2.40
N LEU A 203 9.99 2.14 3.13
CA LEU A 203 8.95 3.14 3.30
C LEU A 203 9.52 4.41 3.92
N ALA A 204 10.63 4.26 4.62
CA ALA A 204 11.30 5.39 5.26
C ALA A 204 12.10 6.15 4.20
N TYR A 205 12.50 5.44 3.16
CA TYR A 205 13.26 6.05 2.07
C TYR A 205 12.23 6.70 1.15
N VAL A 206 11.01 6.19 1.21
CA VAL A 206 9.91 6.71 0.41
C VAL A 206 9.35 7.95 1.13
N ALA A 207 9.46 7.95 2.45
CA ALA A 207 9.00 9.06 3.26
C ALA A 207 9.51 10.37 2.69
N SER A 208 10.60 10.28 1.92
CA SER A 208 11.20 11.44 1.29
C SER A 208 10.83 11.46 -0.19
N MET B 1 28.96 -30.40 -30.17
CA MET B 1 28.11 -29.39 -29.51
C MET B 1 27.70 -28.30 -30.51
N ASP B 2 26.46 -27.85 -30.43
CA ASP B 2 26.00 -26.79 -31.33
C ASP B 2 26.20 -25.43 -30.66
N TYR B 3 26.48 -24.43 -31.48
CA TYR B 3 26.71 -23.09 -30.98
C TYR B 3 25.98 -22.05 -31.81
N TYR B 4 24.76 -21.71 -31.42
CA TYR B 4 23.99 -20.71 -32.13
C TYR B 4 24.68 -19.39 -31.85
N TYR B 5 25.00 -18.64 -32.90
CA TYR B 5 25.72 -17.40 -32.72
C TYR B 5 25.81 -16.55 -33.99
N SER B 6 26.62 -15.51 -33.88
CA SER B 6 26.91 -14.58 -34.97
C SER B 6 28.13 -13.78 -34.53
N LEU B 7 29.20 -13.85 -35.31
CA LEU B 7 30.43 -13.12 -35.01
C LEU B 7 30.27 -11.61 -34.86
N ILE B 8 29.12 -11.09 -35.28
CA ILE B 8 28.88 -9.66 -35.17
C ILE B 8 28.51 -9.36 -33.73
N SER B 9 27.98 -10.37 -33.06
CA SER B 9 27.56 -10.27 -31.66
C SER B 9 28.80 -10.40 -30.76
N PRO B 10 29.14 -9.34 -30.01
CA PRO B 10 30.30 -9.36 -29.12
C PRO B 10 30.20 -10.47 -28.05
N PRO B 11 29.02 -10.67 -27.46
CA PRO B 11 28.90 -11.73 -26.46
C PRO B 11 29.32 -13.10 -27.02
N CYS B 12 28.87 -13.39 -28.24
CA CYS B 12 29.18 -14.68 -28.89
C CYS B 12 30.67 -14.96 -29.17
N GLN B 13 31.51 -13.93 -29.21
CA GLN B 13 32.91 -14.14 -29.53
C GLN B 13 33.72 -14.77 -28.41
N SER B 14 33.20 -14.71 -27.17
CA SER B 14 33.90 -15.28 -26.03
C SER B 14 34.09 -16.79 -26.16
N ALA B 15 32.99 -17.51 -26.39
CA ALA B 15 33.03 -18.96 -26.54
C ALA B 15 33.84 -19.40 -27.76
N ILE B 16 33.84 -18.57 -28.80
CA ILE B 16 34.60 -18.86 -30.01
C ILE B 16 36.10 -18.83 -29.67
N LEU B 17 36.55 -17.74 -29.08
CA LEU B 17 37.95 -17.59 -28.72
C LEU B 17 38.37 -18.67 -27.72
N LEU B 18 37.60 -18.81 -26.66
CA LEU B 18 37.89 -19.80 -25.64
C LEU B 18 38.01 -21.17 -26.31
N ALA B 19 37.05 -21.48 -27.19
CA ALA B 19 37.05 -22.76 -27.90
C ALA B 19 38.39 -23.04 -28.57
N LYS B 20 38.93 -22.01 -29.25
CA LYS B 20 40.19 -22.14 -29.96
C LYS B 20 41.34 -22.39 -29.00
N LYS B 21 41.33 -21.68 -27.89
CA LYS B 21 42.38 -21.81 -26.89
C LYS B 21 42.45 -23.20 -26.25
N LEU B 22 41.32 -23.90 -26.16
CA LEU B 22 41.27 -25.22 -25.52
C LEU B 22 41.06 -26.41 -26.46
N GLY B 23 41.06 -26.17 -27.76
CA GLY B 23 40.89 -27.25 -28.72
C GLY B 23 39.52 -27.91 -28.74
N ILE B 24 38.46 -27.13 -28.57
CA ILE B 24 37.12 -27.68 -28.57
C ILE B 24 36.45 -27.47 -29.92
N THR B 25 35.84 -28.53 -30.45
CA THR B 25 35.16 -28.41 -31.73
C THR B 25 33.75 -27.90 -31.51
N LEU B 26 33.44 -26.77 -32.12
CA LEU B 26 32.13 -26.18 -32.03
C LEU B 26 31.41 -26.30 -33.37
N ASN B 27 30.23 -26.91 -33.36
CA ASN B 27 29.44 -27.04 -34.57
C ASN B 27 28.67 -25.73 -34.66
N LEU B 28 29.27 -24.75 -35.33
CA LEU B 28 28.69 -23.42 -35.48
C LEU B 28 27.36 -23.39 -36.21
N LYS B 29 26.47 -22.53 -35.77
CA LYS B 29 25.16 -22.39 -36.38
C LYS B 29 24.78 -20.91 -36.46
N LYS B 30 25.22 -20.25 -37.52
CA LYS B 30 24.92 -18.84 -37.69
C LYS B 30 23.43 -18.63 -37.45
N THR B 31 23.13 -17.72 -36.55
CA THR B 31 21.76 -17.44 -36.17
C THR B 31 21.41 -15.97 -36.24
N ASN B 32 20.28 -15.66 -36.87
CA ASN B 32 19.80 -14.30 -36.97
C ASN B 32 18.66 -14.25 -35.97
N VAL B 33 18.97 -13.87 -34.73
CA VAL B 33 17.97 -13.81 -33.67
C VAL B 33 16.83 -12.86 -33.94
N HIS B 34 16.92 -12.13 -35.05
CA HIS B 34 15.84 -11.21 -35.40
C HIS B 34 14.81 -11.92 -36.27
N ASP B 35 15.26 -12.93 -37.02
CA ASP B 35 14.36 -13.67 -37.88
C ASP B 35 13.37 -14.43 -37.01
N PRO B 36 12.06 -14.19 -37.21
CA PRO B 36 11.01 -14.84 -36.42
C PRO B 36 11.09 -16.37 -36.48
N VAL B 37 11.33 -16.90 -37.67
CA VAL B 37 11.43 -18.34 -37.85
C VAL B 37 12.58 -18.93 -37.05
N GLU B 38 13.72 -18.23 -37.06
CA GLU B 38 14.88 -18.68 -36.31
C GLU B 38 14.65 -18.42 -34.83
N ARG B 39 14.03 -17.28 -34.53
CA ARG B 39 13.72 -16.88 -33.18
C ARG B 39 12.90 -17.98 -32.50
N ASP B 40 11.78 -18.36 -33.12
CA ASP B 40 10.93 -19.40 -32.56
C ASP B 40 11.71 -20.70 -32.36
N ALA B 41 12.52 -21.05 -33.35
CA ALA B 41 13.32 -22.27 -33.27
C ALA B 41 14.23 -22.23 -32.03
N LEU B 42 15.02 -21.17 -31.91
CA LEU B 42 15.94 -21.03 -30.77
C LEU B 42 15.19 -21.17 -29.45
N THR B 43 14.05 -20.50 -29.35
CA THR B 43 13.23 -20.51 -28.15
C THR B 43 13.04 -21.92 -27.58
N LYS B 44 12.74 -22.87 -28.45
CA LYS B 44 12.51 -24.24 -28.01
C LYS B 44 13.67 -24.77 -27.16
N LEU B 45 14.88 -24.28 -27.45
CA LEU B 45 16.08 -24.70 -26.72
C LEU B 45 16.43 -23.72 -25.60
N ASN B 46 16.22 -22.44 -25.87
CA ASN B 46 16.50 -21.35 -24.91
C ASN B 46 15.28 -20.43 -24.87
N PRO B 47 14.42 -20.61 -23.85
CA PRO B 47 13.22 -19.80 -23.71
C PRO B 47 13.45 -18.30 -23.78
N GLN B 48 14.70 -17.88 -23.64
CA GLN B 48 15.03 -16.45 -23.70
C GLN B 48 15.39 -16.10 -25.13
N HIS B 49 15.73 -17.12 -25.91
CA HIS B 49 16.11 -17.00 -27.30
C HIS B 49 17.10 -15.88 -27.56
N THR B 50 18.30 -16.03 -26.99
CA THR B 50 19.36 -15.06 -27.16
C THR B 50 20.61 -15.84 -27.52
N ILE B 51 21.50 -15.22 -28.28
CA ILE B 51 22.76 -15.86 -28.64
C ILE B 51 23.82 -15.12 -27.87
N PRO B 52 24.90 -15.81 -27.47
CA PRO B 52 25.18 -17.21 -27.71
C PRO B 52 24.35 -18.21 -26.92
N THR B 53 24.12 -19.37 -27.53
CA THR B 53 23.37 -20.46 -26.91
C THR B 53 24.12 -21.73 -27.29
N LEU B 54 24.59 -22.47 -26.29
CA LEU B 54 25.33 -23.71 -26.52
C LEU B 54 24.42 -24.91 -26.25
N VAL B 55 24.74 -26.06 -26.86
CA VAL B 55 23.96 -27.29 -26.66
C VAL B 55 24.90 -28.49 -26.69
N ASP B 56 25.45 -28.84 -25.53
CA ASP B 56 26.38 -29.97 -25.40
C ASP B 56 25.64 -31.24 -25.02
N ASN B 57 25.60 -32.21 -25.94
CA ASN B 57 24.90 -33.47 -25.71
C ASN B 57 23.55 -33.25 -25.07
N GLY B 58 22.73 -32.40 -25.68
CA GLY B 58 21.41 -32.14 -25.15
C GLY B 58 21.36 -31.14 -24.01
N HIS B 59 22.49 -30.95 -23.33
CA HIS B 59 22.54 -30.00 -22.21
C HIS B 59 22.64 -28.58 -22.75
N VAL B 60 21.56 -27.83 -22.65
CA VAL B 60 21.50 -26.46 -23.14
C VAL B 60 22.12 -25.45 -22.18
N VAL B 61 22.79 -24.43 -22.73
CA VAL B 61 23.43 -23.40 -21.91
C VAL B 61 23.46 -22.02 -22.58
N TRP B 62 23.03 -20.97 -21.89
CA TRP B 62 23.10 -19.66 -22.49
C TRP B 62 23.68 -18.62 -21.55
N GLU B 63 24.03 -17.47 -22.10
CA GLU B 63 24.70 -16.37 -21.40
C GLU B 63 26.16 -16.71 -21.65
N SER B 64 26.79 -15.92 -22.52
CA SER B 64 28.18 -16.09 -22.89
C SER B 64 29.06 -16.46 -21.69
N TYR B 65 28.71 -15.93 -20.54
CA TYR B 65 29.48 -16.18 -19.33
C TYR B 65 29.25 -17.58 -18.78
N ALA B 66 28.01 -18.04 -18.85
CA ALA B 66 27.67 -19.36 -18.35
C ALA B 66 28.27 -20.39 -19.32
N ILE B 67 28.21 -20.10 -20.63
CA ILE B 67 28.77 -21.00 -21.63
C ILE B 67 30.28 -21.10 -21.42
N VAL B 68 30.92 -19.94 -21.29
CA VAL B 68 32.36 -19.89 -21.07
C VAL B 68 32.77 -20.75 -19.88
N LEU B 69 32.27 -20.41 -18.70
CA LEU B 69 32.60 -21.14 -17.49
C LEU B 69 32.29 -22.63 -17.58
N TYR B 70 31.27 -22.98 -18.36
CA TYR B 70 30.90 -24.37 -18.54
C TYR B 70 31.95 -25.14 -19.34
N LEU B 71 32.37 -24.57 -20.47
CA LEU B 71 33.36 -25.20 -21.35
C LEU B 71 34.71 -25.39 -20.67
N VAL B 72 35.14 -24.38 -19.92
CA VAL B 72 36.41 -24.46 -19.23
C VAL B 72 36.37 -25.61 -18.22
N GLU B 73 35.36 -25.60 -17.35
CA GLU B 73 35.21 -26.64 -16.34
C GLU B 73 35.11 -28.01 -16.97
N THR B 74 34.35 -28.10 -18.06
CA THR B 74 34.16 -29.36 -18.77
C THR B 74 35.34 -29.82 -19.64
N TYR B 75 35.97 -28.89 -20.36
CA TYR B 75 37.04 -29.27 -21.26
C TYR B 75 38.47 -28.77 -21.01
N ALA B 76 38.62 -27.81 -20.11
CA ALA B 76 39.96 -27.29 -19.83
C ALA B 76 40.86 -28.33 -19.16
N LYS B 77 42.00 -28.58 -19.78
CA LYS B 77 42.97 -29.54 -19.26
C LYS B 77 43.67 -28.90 -18.05
N ASP B 78 43.47 -27.59 -17.92
CA ASP B 78 44.07 -26.81 -16.83
C ASP B 78 42.98 -25.96 -16.20
N ASP B 79 43.31 -25.33 -15.07
CA ASP B 79 42.37 -24.45 -14.39
C ASP B 79 42.97 -23.04 -14.34
N THR B 80 43.97 -22.79 -15.18
CA THR B 80 44.62 -21.49 -15.24
C THR B 80 43.68 -20.40 -15.77
N LEU B 81 42.85 -20.73 -16.76
CA LEU B 81 41.91 -19.77 -17.31
C LEU B 81 40.83 -19.44 -16.29
N TYR B 82 40.64 -20.34 -15.33
CA TYR B 82 39.66 -20.13 -14.28
C TYR B 82 40.15 -20.80 -12.98
N PRO B 83 41.15 -20.18 -12.33
CA PRO B 83 41.75 -20.65 -11.09
C PRO B 83 40.78 -21.09 -9.99
N LYS B 84 41.12 -22.20 -9.32
CA LYS B 84 40.32 -22.75 -8.25
C LYS B 84 40.47 -22.04 -6.91
N ASP B 85 41.61 -21.37 -6.71
CA ASP B 85 41.83 -20.65 -5.46
C ASP B 85 40.83 -19.51 -5.31
N PRO B 86 39.91 -19.62 -4.34
CA PRO B 86 38.88 -18.62 -4.06
C PRO B 86 39.40 -17.20 -3.97
N LYS B 87 40.66 -17.05 -3.60
CA LYS B 87 41.27 -15.72 -3.48
C LYS B 87 41.48 -15.12 -4.86
N VAL B 88 41.74 -15.97 -5.84
CA VAL B 88 41.94 -15.53 -7.21
C VAL B 88 40.63 -15.50 -7.97
N ARG B 89 39.88 -16.59 -7.86
CA ARG B 89 38.59 -16.72 -8.53
C ARG B 89 37.60 -15.60 -8.20
N SER B 90 37.73 -14.98 -7.03
CA SER B 90 36.82 -13.90 -6.67
C SER B 90 37.06 -12.69 -7.57
N VAL B 91 38.31 -12.47 -7.95
CA VAL B 91 38.61 -11.33 -8.81
C VAL B 91 38.08 -11.58 -10.21
N VAL B 92 38.29 -12.79 -10.72
CA VAL B 92 37.81 -13.17 -12.04
C VAL B 92 36.31 -13.01 -12.05
N ASN B 93 35.64 -13.63 -11.09
CA ASN B 93 34.19 -13.53 -11.00
C ASN B 93 33.74 -12.08 -10.94
N GLN B 94 34.39 -11.28 -10.10
CA GLN B 94 34.03 -9.88 -9.98
C GLN B 94 34.22 -9.15 -11.31
N ARG B 95 35.34 -9.38 -11.98
CA ARG B 95 35.60 -8.73 -13.27
C ARG B 95 34.56 -9.16 -14.32
N LEU B 96 34.05 -10.39 -14.20
CA LEU B 96 33.06 -10.87 -15.14
C LEU B 96 31.73 -10.13 -14.91
N PHE B 97 31.37 -9.89 -13.65
CA PHE B 97 30.14 -9.17 -13.36
C PHE B 97 30.31 -7.70 -13.64
N PHE B 98 31.56 -7.27 -13.71
CA PHE B 98 31.91 -5.90 -14.04
C PHE B 98 31.62 -5.73 -15.53
N ASP B 99 31.94 -6.78 -16.28
CA ASP B 99 31.75 -6.80 -17.72
C ASP B 99 30.29 -6.71 -18.14
N ILE B 100 29.51 -7.68 -17.70
CA ILE B 100 28.12 -7.71 -18.07
C ILE B 100 27.30 -6.57 -17.50
N GLY B 101 27.56 -6.21 -16.24
CA GLY B 101 26.80 -5.15 -15.61
C GLY B 101 27.39 -3.75 -15.54
N THR B 102 28.63 -3.56 -15.95
CA THR B 102 29.20 -2.23 -15.89
C THR B 102 29.72 -1.71 -17.21
N LEU B 103 30.79 -2.32 -17.71
CA LEU B 103 31.41 -1.90 -18.95
C LEU B 103 30.61 -2.16 -20.21
N TYR B 104 30.25 -3.42 -20.46
CA TYR B 104 29.50 -3.72 -21.67
C TYR B 104 28.09 -3.14 -21.65
N LYS B 105 27.52 -3.01 -20.47
CA LYS B 105 26.18 -2.46 -20.32
C LYS B 105 26.14 -1.02 -20.78
N ARG B 106 27.17 -0.28 -20.41
CA ARG B 106 27.25 1.13 -20.76
C ARG B 106 27.69 1.32 -22.21
N ILE B 107 28.34 0.32 -22.80
CA ILE B 107 28.77 0.41 -24.19
C ILE B 107 27.59 0.19 -25.11
N ILE B 108 26.97 -0.98 -24.94
CA ILE B 108 25.82 -1.40 -25.72
C ILE B 108 24.64 -0.43 -25.57
N ASP B 109 24.54 0.22 -24.42
CA ASP B 109 23.47 1.18 -24.21
C ASP B 109 23.69 2.28 -25.25
N VAL B 110 24.91 2.81 -25.30
CA VAL B 110 25.25 3.85 -26.25
C VAL B 110 25.00 3.37 -27.69
N ILE B 111 25.48 2.18 -28.02
CA ILE B 111 25.30 1.68 -29.38
C ILE B 111 23.81 1.59 -29.75
N HIS B 112 22.99 1.11 -28.82
CA HIS B 112 21.55 0.98 -29.07
C HIS B 112 20.90 2.31 -29.42
N LEU B 113 21.39 3.37 -28.80
CA LEU B 113 20.86 4.70 -29.06
C LEU B 113 21.30 5.15 -30.44
N VAL B 114 22.61 5.06 -30.69
CA VAL B 114 23.13 5.47 -31.99
C VAL B 114 22.40 4.70 -33.08
N MET B 115 21.95 3.50 -32.76
CA MET B 115 21.21 2.69 -33.73
C MET B 115 19.83 3.29 -33.98
N LYS B 116 19.23 3.89 -32.96
CA LYS B 116 17.90 4.51 -33.10
C LYS B 116 18.04 5.99 -33.43
N LYS B 117 19.23 6.38 -33.88
CA LYS B 117 19.50 7.76 -34.23
C LYS B 117 19.17 8.67 -33.05
N GLU B 118 19.68 8.33 -31.87
CA GLU B 118 19.48 9.13 -30.68
C GLU B 118 20.86 9.41 -30.10
N GLN B 119 20.93 10.29 -29.11
CA GLN B 119 22.22 10.62 -28.51
C GLN B 119 22.35 10.35 -27.03
N PRO B 120 23.53 9.85 -26.61
CA PRO B 120 23.76 9.55 -25.20
C PRO B 120 23.83 10.87 -24.43
N SER B 121 23.33 10.87 -23.20
CA SER B 121 23.37 12.07 -22.38
C SER B 121 24.81 12.19 -21.87
N ASP B 122 25.15 13.35 -21.30
CA ASP B 122 26.49 13.54 -20.77
C ASP B 122 26.74 12.55 -19.66
N GLU B 123 25.69 12.22 -18.91
CA GLU B 123 25.82 11.26 -17.81
C GLU B 123 26.27 9.92 -18.35
N GLN B 124 25.60 9.46 -19.40
CA GLN B 124 25.91 8.18 -20.01
C GLN B 124 27.35 8.09 -20.48
N MET B 125 27.82 9.14 -21.17
CA MET B 125 29.20 9.16 -21.65
C MET B 125 30.16 9.20 -20.46
N GLU B 126 29.70 9.77 -19.35
CA GLU B 126 30.54 9.86 -18.17
C GLU B 126 30.69 8.50 -17.48
N LYS B 127 29.61 7.73 -17.43
CA LYS B 127 29.69 6.41 -16.83
C LYS B 127 30.52 5.53 -17.75
N LEU B 128 30.38 5.76 -19.05
CA LEU B 128 31.13 5.01 -20.05
C LEU B 128 32.60 5.19 -19.65
N LYS B 129 33.01 6.45 -19.55
CA LYS B 129 34.37 6.81 -19.17
C LYS B 129 34.70 6.17 -17.84
N GLY B 130 33.80 6.33 -16.87
CA GLY B 130 34.00 5.77 -15.55
C GLY B 130 34.34 4.29 -15.59
N ALA B 131 33.61 3.53 -16.41
CA ALA B 131 33.85 2.10 -16.50
C ALA B 131 35.23 1.82 -17.06
N LEU B 132 35.64 2.63 -18.04
CA LEU B 132 36.93 2.47 -18.68
C LEU B 132 38.09 2.76 -17.72
N ASP B 133 37.95 3.84 -16.95
CA ASP B 133 38.99 4.21 -16.01
C ASP B 133 39.21 3.04 -15.05
N LEU B 134 38.11 2.38 -14.68
CA LEU B 134 38.19 1.23 -13.80
C LEU B 134 38.98 0.12 -14.47
N LEU B 135 38.56 -0.24 -15.69
CA LEU B 135 39.25 -1.29 -16.43
C LEU B 135 40.70 -0.87 -16.56
N GLU B 136 40.93 0.40 -16.86
CA GLU B 136 42.28 0.92 -17.00
C GLU B 136 43.06 0.59 -15.72
N GLN B 137 42.47 0.84 -14.55
CA GLN B 137 43.13 0.54 -13.28
C GLN B 137 43.38 -0.96 -13.15
N PHE B 138 42.38 -1.76 -13.46
CA PHE B 138 42.50 -3.21 -13.39
C PHE B 138 43.75 -3.70 -14.13
N VAL B 139 43.90 -3.26 -15.37
CA VAL B 139 45.03 -3.67 -16.19
C VAL B 139 46.34 -2.93 -15.92
N THR B 140 46.43 -2.30 -14.74
CA THR B 140 47.65 -1.60 -14.35
C THR B 140 48.15 -2.31 -13.10
N GLU B 141 47.22 -2.67 -12.22
CA GLU B 141 47.58 -3.38 -11.01
C GLU B 141 48.16 -4.75 -11.38
N ARG B 142 47.76 -5.24 -12.56
CA ARG B 142 48.26 -6.51 -13.07
C ARG B 142 48.30 -6.41 -14.59
N ALA B 143 49.06 -7.30 -15.22
CA ALA B 143 49.18 -7.32 -16.68
C ALA B 143 47.90 -7.82 -17.33
N TYR B 144 47.11 -8.58 -16.57
CA TYR B 144 45.84 -9.13 -17.08
C TYR B 144 44.60 -8.66 -16.29
N ALA B 145 43.43 -8.87 -16.90
CA ALA B 145 42.16 -8.45 -16.31
C ALA B 145 41.91 -8.79 -14.84
N ALA B 146 42.14 -10.05 -14.47
CA ALA B 146 41.90 -10.48 -13.09
C ALA B 146 43.04 -11.25 -12.41
N ALA B 147 44.20 -11.33 -13.05
CA ALA B 147 45.29 -12.06 -12.42
C ALA B 147 46.62 -11.76 -13.08
N ASP B 148 47.63 -12.55 -12.70
CA ASP B 148 48.98 -12.42 -13.24
C ASP B 148 49.12 -13.25 -14.51
N HIS B 149 47.99 -13.67 -15.05
CA HIS B 149 47.95 -14.45 -16.29
C HIS B 149 46.55 -14.39 -16.88
N LEU B 150 46.43 -14.78 -18.14
CA LEU B 150 45.15 -14.77 -18.83
C LEU B 150 44.11 -15.68 -18.17
N THR B 151 42.86 -15.23 -18.15
CA THR B 151 41.76 -16.00 -17.57
C THR B 151 40.54 -15.73 -18.46
N VAL B 152 39.41 -16.32 -18.13
CA VAL B 152 38.20 -16.11 -18.89
C VAL B 152 37.77 -14.65 -18.83
N ALA B 153 38.33 -13.91 -17.86
CA ALA B 153 38.00 -12.51 -17.69
C ALA B 153 38.53 -11.72 -18.86
N ASP B 154 39.77 -12.00 -19.22
CA ASP B 154 40.43 -11.33 -20.32
C ASP B 154 39.69 -11.55 -21.63
N ILE B 155 39.30 -12.80 -21.89
CA ILE B 155 38.59 -13.12 -23.12
C ILE B 155 37.26 -12.37 -23.26
N CYS B 156 36.47 -12.32 -22.20
CA CYS B 156 35.17 -11.62 -22.24
C CYS B 156 35.34 -10.10 -22.36
N LEU B 157 36.28 -9.53 -21.61
CA LEU B 157 36.51 -8.10 -21.65
C LEU B 157 37.12 -7.66 -22.99
N LEU B 158 37.80 -8.58 -23.65
CA LEU B 158 38.40 -8.29 -24.93
C LEU B 158 37.28 -8.15 -25.95
N GLY B 159 36.22 -8.94 -25.79
CA GLY B 159 35.11 -8.84 -26.71
C GLY B 159 34.42 -7.51 -26.51
N THR B 160 34.21 -7.17 -25.25
CA THR B 160 33.56 -5.93 -24.87
C THR B 160 34.28 -4.67 -25.31
N VAL B 161 35.60 -4.64 -25.14
CA VAL B 161 36.36 -3.46 -25.52
C VAL B 161 36.48 -3.21 -27.02
N THR B 162 36.68 -4.26 -27.82
CA THR B 162 36.79 -4.06 -29.25
C THR B 162 35.45 -3.67 -29.85
N ALA B 163 34.38 -3.83 -29.07
CA ALA B 163 33.05 -3.48 -29.53
C ALA B 163 32.93 -1.96 -29.57
N LEU B 164 33.86 -1.28 -28.90
CA LEU B 164 33.91 0.18 -28.87
C LEU B 164 34.19 0.71 -30.27
N ASN B 165 34.62 -0.18 -31.16
CA ASN B 165 34.93 0.19 -32.53
C ASN B 165 33.75 0.76 -33.32
N TRP B 166 32.53 0.35 -32.96
CA TRP B 166 31.35 0.84 -33.67
C TRP B 166 31.09 2.31 -33.35
N LEU B 167 31.64 2.77 -32.24
CA LEU B 167 31.46 4.15 -31.82
C LEU B 167 32.70 4.99 -32.06
N LYS B 168 33.69 4.40 -32.73
CA LYS B 168 34.93 5.13 -32.99
C LYS B 168 35.39 5.80 -31.70
N HIS B 169 35.06 5.17 -30.58
CA HIS B 169 35.43 5.70 -29.27
C HIS B 169 36.95 5.73 -29.15
N ASP B 170 37.49 6.89 -28.82
CA ASP B 170 38.93 7.05 -28.69
C ASP B 170 39.49 6.41 -27.42
N LEU B 171 40.42 5.48 -27.59
CA LEU B 171 41.06 4.80 -26.47
C LEU B 171 42.42 5.41 -26.19
N GLU B 172 42.74 6.49 -26.90
CA GLU B 172 44.01 7.18 -26.71
C GLU B 172 44.25 7.47 -25.24
N PRO B 173 43.22 7.95 -24.53
CA PRO B 173 43.39 8.25 -23.11
C PRO B 173 43.56 7.02 -22.21
N PHE B 174 43.39 5.83 -22.78
CA PHE B 174 43.53 4.61 -22.00
C PHE B 174 44.73 3.77 -22.44
N PRO B 175 45.93 4.13 -21.95
CA PRO B 175 47.21 3.48 -22.23
C PRO B 175 47.29 2.00 -21.89
N HIS B 176 46.99 1.67 -20.64
CA HIS B 176 47.07 0.29 -20.20
C HIS B 176 46.06 -0.62 -20.89
N ILE B 177 44.91 -0.08 -21.25
CA ILE B 177 43.93 -0.89 -21.96
C ILE B 177 44.53 -1.25 -23.32
N ARG B 178 45.09 -0.25 -24.01
CA ARG B 178 45.70 -0.51 -25.31
C ARG B 178 46.77 -1.58 -25.19
N ALA B 179 47.67 -1.40 -24.21
CA ALA B 179 48.73 -2.36 -24.01
C ALA B 179 48.11 -3.74 -23.78
N TRP B 180 47.22 -3.81 -22.79
CA TRP B 180 46.52 -5.02 -22.41
C TRP B 180 45.88 -5.71 -23.62
N LEU B 181 45.35 -4.91 -24.55
CA LEU B 181 44.72 -5.47 -25.74
C LEU B 181 45.69 -6.32 -26.55
N GLU B 182 46.86 -5.75 -26.84
CA GLU B 182 47.88 -6.45 -27.61
C GLU B 182 48.29 -7.75 -26.92
N ARG B 183 48.47 -7.70 -25.60
CA ARG B 183 48.86 -8.86 -24.81
C ARG B 183 47.88 -10.01 -24.98
N VAL B 184 46.60 -9.74 -24.78
CA VAL B 184 45.57 -10.77 -24.87
C VAL B 184 45.43 -11.36 -26.27
N ARG B 185 45.33 -10.50 -27.26
CA ARG B 185 45.17 -10.97 -28.63
C ARG B 185 46.40 -11.76 -29.09
N ALA B 186 47.57 -11.37 -28.60
CA ALA B 186 48.80 -12.07 -28.96
C ALA B 186 48.75 -13.46 -28.36
N GLU B 187 47.82 -13.68 -27.45
CA GLU B 187 47.69 -14.99 -26.82
C GLU B 187 46.47 -15.77 -27.32
N MET B 188 45.67 -15.15 -28.18
CA MET B 188 44.52 -15.85 -28.75
C MET B 188 45.02 -16.49 -30.05
N PRO B 189 44.84 -17.82 -30.19
CA PRO B 189 45.29 -18.55 -31.39
C PRO B 189 44.73 -18.01 -32.71
N ASP B 190 45.61 -17.57 -33.59
CA ASP B 190 45.23 -17.02 -34.90
C ASP B 190 44.21 -15.89 -34.75
N TYR B 191 44.56 -14.87 -33.98
CA TYR B 191 43.64 -13.76 -33.77
C TYR B 191 43.31 -12.97 -35.03
N GLU B 192 44.35 -12.45 -35.70
CA GLU B 192 44.17 -11.66 -36.91
C GLU B 192 43.16 -12.34 -37.84
N GLU B 193 43.20 -13.67 -37.90
CA GLU B 193 42.28 -14.40 -38.75
C GLU B 193 40.87 -14.31 -38.20
N PHE B 194 40.72 -14.36 -36.88
CA PHE B 194 39.43 -14.26 -36.23
C PHE B 194 38.88 -12.88 -36.53
N SER B 195 39.69 -11.87 -36.22
CA SER B 195 39.32 -10.49 -36.44
C SER B 195 38.90 -10.25 -37.89
N LYS B 196 39.60 -10.89 -38.84
CA LYS B 196 39.27 -10.74 -40.24
C LYS B 196 37.99 -11.52 -40.56
N GLN B 197 37.75 -12.59 -39.79
CA GLN B 197 36.55 -13.37 -40.02
C GLN B 197 35.36 -12.55 -39.52
N VAL B 198 35.60 -11.77 -38.47
CA VAL B 198 34.55 -10.92 -37.93
C VAL B 198 34.22 -9.89 -39.00
N ALA B 199 35.26 -9.23 -39.50
CA ALA B 199 35.12 -8.21 -40.53
C ALA B 199 34.29 -8.73 -41.71
N ASP B 200 34.68 -9.89 -42.23
CA ASP B 200 33.96 -10.47 -43.37
C ASP B 200 32.50 -10.69 -43.06
N ASP B 201 32.22 -11.30 -41.92
CA ASP B 201 30.84 -11.54 -41.51
C ASP B 201 30.04 -10.25 -41.35
N THR B 202 30.63 -9.26 -40.68
CA THR B 202 29.92 -8.00 -40.49
C THR B 202 29.57 -7.39 -41.83
N LEU B 203 30.46 -7.56 -42.80
CA LEU B 203 30.22 -7.02 -44.13
C LEU B 203 29.12 -7.85 -44.80
N ALA B 204 29.21 -9.17 -44.66
CA ALA B 204 28.22 -10.06 -45.24
C ALA B 204 26.87 -9.86 -44.58
N TYR B 205 26.87 -9.38 -43.34
CA TYR B 205 25.62 -9.14 -42.65
C TYR B 205 25.02 -7.82 -43.13
N VAL B 206 25.82 -6.75 -43.09
CA VAL B 206 25.32 -5.46 -43.54
C VAL B 206 24.88 -5.59 -44.99
N ALA B 207 25.36 -6.63 -45.66
CA ALA B 207 25.00 -6.89 -47.05
C ALA B 207 23.57 -7.38 -47.10
N SER B 208 23.11 -7.96 -46.00
CA SER B 208 21.74 -8.47 -45.91
C SER B 208 20.77 -7.30 -45.85
N ARG B 209 21.31 -6.09 -45.80
CA ARG B 209 20.49 -4.88 -45.75
C ARG B 209 20.42 -4.25 -47.13
N MET C 1 -28.06 -2.48 35.59
CA MET C 1 -26.99 -1.51 35.25
C MET C 1 -27.39 -0.11 35.72
N ASP C 2 -26.41 0.78 35.87
CA ASP C 2 -26.67 2.14 36.33
C ASP C 2 -27.01 3.09 35.20
N TYR C 3 -27.79 4.13 35.52
CA TYR C 3 -28.23 5.08 34.51
C TYR C 3 -28.18 6.53 35.02
N TYR C 4 -27.18 7.28 34.58
CA TYR C 4 -27.02 8.68 34.97
C TYR C 4 -27.92 9.51 34.07
N TYR C 5 -28.89 10.20 34.66
CA TYR C 5 -29.83 10.94 33.83
C TYR C 5 -30.55 12.07 34.55
N SER C 6 -31.64 12.49 33.90
CA SER C 6 -32.53 13.51 34.38
C SER C 6 -33.76 13.36 33.50
N LEU C 7 -34.94 13.17 34.10
CA LEU C 7 -36.16 13.02 33.34
C LEU C 7 -36.47 14.22 32.47
N ILE C 8 -35.91 15.37 32.82
CA ILE C 8 -36.15 16.59 32.08
C ILE C 8 -35.40 16.62 30.75
N SER C 9 -34.32 15.86 30.67
CA SER C 9 -33.50 15.76 29.46
C SER C 9 -34.15 14.86 28.42
N PRO C 10 -34.56 15.43 27.29
CA PRO C 10 -35.18 14.58 26.27
C PRO C 10 -34.39 13.31 25.92
N PRO C 11 -33.07 13.43 25.67
CA PRO C 11 -32.28 12.24 25.34
C PRO C 11 -32.31 11.14 26.39
N CYS C 12 -32.38 11.53 27.66
CA CYS C 12 -32.44 10.56 28.73
C CYS C 12 -33.78 9.80 28.78
N GLN C 13 -34.82 10.36 28.17
CA GLN C 13 -36.11 9.71 28.20
C GLN C 13 -36.24 8.42 27.41
N SER C 14 -35.52 8.34 26.29
CA SER C 14 -35.55 7.18 25.41
C SER C 14 -35.36 5.84 26.13
N ALA C 15 -34.22 5.67 26.76
CA ALA C 15 -33.88 4.44 27.46
C ALA C 15 -34.85 4.09 28.58
N ILE C 16 -35.33 5.11 29.28
CA ILE C 16 -36.28 4.90 30.37
C ILE C 16 -37.58 4.31 29.83
N LEU C 17 -38.05 4.84 28.71
CA LEU C 17 -39.27 4.33 28.10
C LEU C 17 -38.98 2.92 27.56
N LEU C 18 -37.84 2.78 26.87
CA LEU C 18 -37.46 1.49 26.32
C LEU C 18 -37.41 0.48 27.47
N ALA C 19 -36.78 0.86 28.58
CA ALA C 19 -36.67 -0.01 29.74
C ALA C 19 -38.03 -0.51 30.20
N LYS C 20 -39.04 0.36 30.18
CA LYS C 20 -40.37 -0.07 30.59
C LYS C 20 -40.91 -1.04 29.55
N LYS C 21 -40.64 -0.74 28.28
CA LYS C 21 -41.09 -1.59 27.19
C LYS C 21 -40.53 -3.00 27.31
N LEU C 22 -39.26 -3.10 27.73
CA LEU C 22 -38.58 -4.39 27.88
C LEU C 22 -38.73 -5.04 29.24
N GLY C 23 -39.25 -4.28 30.20
CA GLY C 23 -39.46 -4.80 31.53
C GLY C 23 -38.18 -5.04 32.32
N ILE C 24 -37.18 -4.19 32.14
CA ILE C 24 -35.95 -4.36 32.90
C ILE C 24 -35.79 -3.15 33.82
N THR C 25 -35.01 -3.30 34.88
CA THR C 25 -34.84 -2.24 35.83
C THR C 25 -33.52 -1.49 35.71
N LEU C 26 -33.60 -0.18 35.58
CA LEU C 26 -32.39 0.63 35.52
C LEU C 26 -32.16 1.18 36.94
N ASN C 27 -30.92 1.15 37.43
CA ASN C 27 -30.63 1.69 38.75
C ASN C 27 -30.43 3.15 38.44
N LEU C 28 -31.47 3.94 38.63
CA LEU C 28 -31.42 5.36 38.31
C LEU C 28 -30.51 6.22 39.17
N LYS C 29 -29.79 7.13 38.53
CA LYS C 29 -28.89 8.01 39.24
C LYS C 29 -29.07 9.46 38.77
N LYS C 30 -29.97 10.17 39.43
CA LYS C 30 -30.23 11.55 39.05
C LYS C 30 -28.94 12.33 39.03
N THR C 31 -28.72 13.01 37.92
CA THR C 31 -27.49 13.73 37.70
C THR C 31 -27.65 15.15 37.21
N ASN C 32 -26.94 16.06 37.88
CA ASN C 32 -26.94 17.46 37.51
C ASN C 32 -25.62 17.74 36.81
N VAL C 33 -25.59 17.54 35.49
CA VAL C 33 -24.37 17.75 34.72
C VAL C 33 -23.70 19.10 34.95
N HIS C 34 -24.47 20.12 35.30
CA HIS C 34 -23.89 21.44 35.52
C HIS C 34 -23.32 21.59 36.94
N ASP C 35 -23.00 20.47 37.58
CA ASP C 35 -22.43 20.47 38.92
C ASP C 35 -21.03 19.85 38.91
N PRO C 36 -20.03 20.58 39.43
CA PRO C 36 -18.63 20.16 39.51
C PRO C 36 -18.42 18.72 40.00
N VAL C 37 -18.65 18.48 41.28
CA VAL C 37 -18.50 17.15 41.85
C VAL C 37 -19.15 16.08 40.98
N GLU C 38 -20.46 16.23 40.72
CA GLU C 38 -21.16 15.26 39.90
C GLU C 38 -20.58 15.12 38.51
N ARG C 39 -20.24 16.24 37.88
CA ARG C 39 -19.68 16.23 36.55
C ARG C 39 -18.34 15.50 36.54
N ASP C 40 -17.44 15.90 37.43
CA ASP C 40 -16.12 15.31 37.51
C ASP C 40 -16.23 13.82 37.83
N ALA C 41 -17.21 13.45 38.65
CA ALA C 41 -17.40 12.05 38.98
C ALA C 41 -17.83 11.29 37.73
N LEU C 42 -18.71 11.92 36.95
CA LEU C 42 -19.23 11.33 35.73
C LEU C 42 -18.11 11.15 34.70
N THR C 43 -17.30 12.19 34.55
CA THR C 43 -16.19 12.18 33.60
C THR C 43 -15.25 10.99 33.76
N LYS C 44 -15.22 10.37 34.93
CA LYS C 44 -14.34 9.23 35.12
C LYS C 44 -14.92 8.02 34.40
N LEU C 45 -16.22 8.06 34.15
CA LEU C 45 -16.92 6.98 33.47
C LEU C 45 -17.16 7.27 31.99
N ASN C 46 -17.45 8.54 31.72
CA ASN C 46 -17.74 9.01 30.38
C ASN C 46 -16.93 10.28 30.19
N PRO C 47 -15.85 10.21 29.41
CA PRO C 47 -14.96 11.34 29.13
C PRO C 47 -15.62 12.57 28.58
N GLN C 48 -16.78 12.38 27.93
CA GLN C 48 -17.53 13.48 27.34
C GLN C 48 -18.52 14.01 28.37
N HIS C 49 -18.61 13.28 29.49
CA HIS C 49 -19.52 13.61 30.59
C HIS C 49 -20.88 14.19 30.16
N THR C 50 -21.63 13.40 29.40
CA THR C 50 -22.95 13.81 28.97
C THR C 50 -23.95 12.80 29.53
N ILE C 51 -25.19 13.24 29.70
CA ILE C 51 -26.23 12.36 30.17
C ILE C 51 -27.14 12.25 28.95
N PRO C 52 -27.72 11.07 28.71
CA PRO C 52 -27.55 9.87 29.53
C PRO C 52 -26.25 9.13 29.37
N THR C 53 -25.91 8.34 30.40
CA THR C 53 -24.72 7.49 30.40
C THR C 53 -25.14 6.20 31.08
N LEU C 54 -24.88 5.08 30.44
CA LEU C 54 -25.23 3.76 30.96
C LEU C 54 -23.98 2.99 31.37
N VAL C 55 -24.04 2.32 32.50
CA VAL C 55 -22.91 1.54 33.00
C VAL C 55 -23.41 0.15 33.32
N ASP C 56 -22.93 -0.82 32.57
CA ASP C 56 -23.33 -2.20 32.74
C ASP C 56 -22.13 -3.06 33.12
N ASN C 57 -22.11 -3.50 34.38
CA ASN C 57 -21.03 -4.33 34.89
C ASN C 57 -19.67 -3.78 34.48
N GLY C 58 -19.51 -2.47 34.58
CA GLY C 58 -18.25 -1.86 34.22
C GLY C 58 -18.18 -1.43 32.76
N HIS C 59 -19.16 -1.85 31.96
CA HIS C 59 -19.18 -1.47 30.56
C HIS C 59 -19.98 -0.17 30.42
N VAL C 60 -19.29 0.89 30.03
CA VAL C 60 -19.89 2.21 29.86
C VAL C 60 -20.40 2.48 28.44
N VAL C 61 -21.62 3.00 28.35
CA VAL C 61 -22.23 3.34 27.07
C VAL C 61 -22.85 4.72 27.22
N TRP C 62 -22.63 5.60 26.24
CA TRP C 62 -23.28 6.90 26.29
C TRP C 62 -23.81 7.21 24.90
N GLU C 63 -24.55 8.31 24.78
CA GLU C 63 -25.25 8.71 23.57
C GLU C 63 -26.50 7.88 23.73
N SER C 64 -27.63 8.55 23.94
CA SER C 64 -28.89 7.86 24.13
C SER C 64 -29.08 6.75 23.12
N TYR C 65 -28.89 7.09 21.84
CA TYR C 65 -29.06 6.16 20.74
C TYR C 65 -28.32 4.84 20.95
N ALA C 66 -27.02 4.93 21.22
CA ALA C 66 -26.18 3.76 21.44
C ALA C 66 -26.68 2.96 22.65
N ILE C 67 -27.11 3.68 23.68
CA ILE C 67 -27.64 3.08 24.89
C ILE C 67 -28.89 2.27 24.58
N VAL C 68 -29.80 2.86 23.81
CA VAL C 68 -31.03 2.18 23.45
C VAL C 68 -30.78 0.91 22.62
N LEU C 69 -29.85 0.98 21.67
CA LEU C 69 -29.56 -0.18 20.85
C LEU C 69 -28.87 -1.26 21.66
N TYR C 70 -28.02 -0.84 22.59
CA TYR C 70 -27.32 -1.78 23.44
C TYR C 70 -28.33 -2.49 24.37
N LEU C 71 -29.30 -1.75 24.88
CA LEU C 71 -30.31 -2.34 25.77
C LEU C 71 -31.16 -3.35 25.03
N VAL C 72 -31.56 -3.04 23.80
CA VAL C 72 -32.37 -3.96 23.03
C VAL C 72 -31.60 -5.24 22.74
N GLU C 73 -30.41 -5.11 22.15
CA GLU C 73 -29.62 -6.29 21.84
C GLU C 73 -29.30 -7.09 23.10
N THR C 74 -29.16 -6.41 24.22
CA THR C 74 -28.84 -7.10 25.46
C THR C 74 -30.02 -7.71 26.20
N TYR C 75 -31.14 -7.01 26.26
CA TYR C 75 -32.29 -7.50 27.00
C TYR C 75 -33.49 -8.02 26.21
N ALA C 76 -33.81 -7.40 25.08
CA ALA C 76 -34.97 -7.83 24.30
C ALA C 76 -34.91 -9.32 23.98
N LYS C 77 -36.05 -9.99 24.00
CA LYS C 77 -36.07 -11.41 23.70
C LYS C 77 -36.06 -11.65 22.19
N ASP C 78 -36.45 -10.63 21.43
CA ASP C 78 -36.51 -10.73 19.98
C ASP C 78 -36.05 -9.45 19.29
N ASP C 79 -36.04 -9.46 17.96
CA ASP C 79 -35.59 -8.32 17.17
C ASP C 79 -36.71 -7.39 16.74
N THR C 80 -37.87 -7.50 17.35
CA THR C 80 -38.99 -6.64 16.97
C THR C 80 -38.65 -5.15 17.05
N LEU C 81 -38.01 -4.72 18.13
CA LEU C 81 -37.68 -3.31 18.29
C LEU C 81 -36.54 -2.82 17.39
N TYR C 82 -35.69 -3.73 16.94
CA TYR C 82 -34.60 -3.37 16.05
C TYR C 82 -34.44 -4.52 15.06
N PRO C 83 -35.31 -4.56 14.02
CA PRO C 83 -35.36 -5.55 12.96
C PRO C 83 -34.02 -5.96 12.38
N LYS C 84 -33.76 -7.26 12.36
CA LYS C 84 -32.50 -7.73 11.84
C LYS C 84 -32.37 -7.51 10.35
N ASP C 85 -33.49 -7.57 9.62
CA ASP C 85 -33.45 -7.36 8.17
C ASP C 85 -32.85 -6.02 7.77
N PRO C 86 -31.80 -6.05 6.94
CA PRO C 86 -31.09 -4.85 6.45
C PRO C 86 -31.96 -3.78 5.81
N LYS C 87 -32.97 -4.20 5.04
CA LYS C 87 -33.87 -3.25 4.38
C LYS C 87 -34.60 -2.38 5.39
N VAL C 88 -35.20 -3.01 6.38
CA VAL C 88 -35.93 -2.28 7.40
C VAL C 88 -35.03 -1.58 8.42
N ARG C 89 -33.88 -2.17 8.72
CA ARG C 89 -32.98 -1.55 9.68
C ARG C 89 -32.34 -0.28 9.13
N SER C 90 -32.25 -0.22 7.80
CA SER C 90 -31.65 0.94 7.15
C SER C 90 -32.55 2.15 7.32
N VAL C 91 -33.87 1.91 7.31
CA VAL C 91 -34.83 2.99 7.51
C VAL C 91 -34.81 3.39 8.98
N VAL C 92 -34.69 2.38 9.84
CA VAL C 92 -34.62 2.60 11.27
C VAL C 92 -33.36 3.40 11.60
N ASN C 93 -32.22 3.01 11.03
CA ASN C 93 -31.00 3.76 11.30
C ASN C 93 -31.06 5.15 10.70
N GLN C 94 -31.64 5.27 9.51
CA GLN C 94 -31.74 6.58 8.91
C GLN C 94 -32.53 7.54 9.79
N ARG C 95 -33.64 7.09 10.36
CA ARG C 95 -34.43 7.95 11.25
C ARG C 95 -33.64 8.30 12.54
N LEU C 96 -32.84 7.36 13.04
CA LEU C 96 -32.10 7.67 14.26
C LEU C 96 -31.07 8.79 13.98
N PHE C 97 -30.44 8.77 12.81
CA PHE C 97 -29.48 9.84 12.50
C PHE C 97 -30.20 11.12 12.11
N PHE C 98 -31.43 10.95 11.64
CA PHE C 98 -32.29 12.07 11.27
C PHE C 98 -32.59 12.81 12.56
N ASP C 99 -32.96 12.03 13.57
CA ASP C 99 -33.31 12.55 14.88
C ASP C 99 -32.22 13.40 15.52
N ILE C 100 -31.01 12.84 15.61
CA ILE C 100 -29.93 13.59 16.23
C ILE C 100 -29.40 14.70 15.33
N GLY C 101 -29.23 14.40 14.06
CA GLY C 101 -28.66 15.36 13.13
C GLY C 101 -29.58 16.40 12.50
N THR C 102 -30.90 16.21 12.57
CA THR C 102 -31.80 17.17 11.96
C THR C 102 -32.92 17.68 12.86
N LEU C 103 -33.84 16.79 13.21
CA LEU C 103 -35.00 17.18 14.04
C LEU C 103 -34.68 17.63 15.45
N TYR C 104 -34.15 16.73 16.29
CA TYR C 104 -33.87 17.17 17.64
C TYR C 104 -32.84 18.26 17.66
N LYS C 105 -31.89 18.20 16.73
CA LYS C 105 -30.86 19.20 16.68
C LYS C 105 -31.46 20.58 16.43
N ARG C 106 -32.45 20.64 15.56
CA ARG C 106 -33.07 21.92 15.26
C ARG C 106 -33.94 22.35 16.43
N ILE C 107 -34.68 21.40 17.00
CA ILE C 107 -35.53 21.70 18.15
C ILE C 107 -34.65 22.23 19.29
N ILE C 108 -33.66 21.44 19.70
CA ILE C 108 -32.80 21.83 20.81
C ILE C 108 -32.03 23.13 20.61
N ASP C 109 -31.73 23.48 19.36
CA ASP C 109 -31.01 24.73 19.14
C ASP C 109 -31.92 25.92 19.40
N VAL C 110 -33.17 25.80 18.98
CA VAL C 110 -34.14 26.85 19.20
C VAL C 110 -34.29 27.01 20.72
N ILE C 111 -34.50 25.88 21.41
CA ILE C 111 -34.66 25.89 22.86
C ILE C 111 -33.49 26.56 23.59
N HIS C 112 -32.27 26.29 23.13
CA HIS C 112 -31.09 26.88 23.75
C HIS C 112 -31.04 28.40 23.56
N LEU C 113 -31.48 28.87 22.40
CA LEU C 113 -31.49 30.30 22.13
C LEU C 113 -32.53 30.98 22.99
N VAL C 114 -33.70 30.38 23.08
CA VAL C 114 -34.80 30.93 23.86
C VAL C 114 -34.54 30.94 25.36
N MET C 115 -33.92 29.88 25.88
CA MET C 115 -33.68 29.84 27.32
C MET C 115 -32.61 30.83 27.80
N LYS C 116 -32.19 31.73 26.91
CA LYS C 116 -31.21 32.74 27.30
C LYS C 116 -31.55 34.11 26.73
N LYS C 117 -32.85 34.42 26.72
CA LYS C 117 -33.37 35.69 26.24
C LYS C 117 -32.96 36.06 24.83
N GLU C 118 -33.00 35.09 23.92
CA GLU C 118 -32.66 35.30 22.51
C GLU C 118 -33.66 34.52 21.67
N GLN C 119 -34.01 35.04 20.49
CA GLN C 119 -34.98 34.34 19.65
C GLN C 119 -34.51 33.98 18.24
N PRO C 120 -34.89 32.78 17.77
CA PRO C 120 -34.60 32.18 16.45
C PRO C 120 -34.98 33.02 15.24
N SER C 121 -34.30 32.76 14.13
CA SER C 121 -34.55 33.46 12.87
C SER C 121 -35.54 32.65 12.04
N ASP C 122 -36.27 33.33 11.15
CA ASP C 122 -37.26 32.65 10.31
C ASP C 122 -36.65 31.51 9.52
N GLU C 123 -35.33 31.49 9.40
CA GLU C 123 -34.66 30.41 8.69
C GLU C 123 -34.61 29.22 9.63
N GLN C 124 -34.14 29.46 10.85
CA GLN C 124 -34.07 28.40 11.84
C GLN C 124 -35.45 27.79 12.02
N MET C 125 -36.45 28.65 12.18
CA MET C 125 -37.82 28.17 12.35
C MET C 125 -38.29 27.46 11.09
N GLU C 126 -37.92 27.98 9.93
CA GLU C 126 -38.33 27.37 8.68
C GLU C 126 -37.72 25.98 8.55
N LYS C 127 -36.49 25.82 9.04
CA LYS C 127 -35.83 24.53 8.97
C LYS C 127 -36.47 23.54 9.93
N LEU C 128 -36.95 24.07 11.05
CA LEU C 128 -37.63 23.26 12.05
C LEU C 128 -38.82 22.64 11.31
N LYS C 129 -39.58 23.50 10.64
CA LYS C 129 -40.75 23.06 9.89
C LYS C 129 -40.43 22.02 8.83
N GLY C 130 -39.37 22.24 8.06
CA GLY C 130 -39.02 21.26 7.04
C GLY C 130 -38.69 19.93 7.67
N ALA C 131 -38.08 19.99 8.85
CA ALA C 131 -37.71 18.80 9.58
C ALA C 131 -38.99 18.10 10.03
N LEU C 132 -39.96 18.87 10.50
CA LEU C 132 -41.22 18.29 10.94
C LEU C 132 -42.02 17.79 9.74
N ASP C 133 -41.85 18.44 8.59
CA ASP C 133 -42.56 18.01 7.38
C ASP C 133 -42.09 16.61 6.99
N LEU C 134 -40.79 16.36 7.18
CA LEU C 134 -40.25 15.06 6.82
C LEU C 134 -40.81 13.97 7.73
N LEU C 135 -40.95 14.29 9.01
CA LEU C 135 -41.50 13.34 9.96
C LEU C 135 -42.98 13.10 9.59
N GLU C 136 -43.68 14.17 9.25
CA GLU C 136 -45.08 14.06 8.83
C GLU C 136 -45.13 13.08 7.67
N GLN C 137 -44.18 13.20 6.75
CA GLN C 137 -44.11 12.30 5.60
C GLN C 137 -43.85 10.86 6.05
N PHE C 138 -42.83 10.66 6.88
CA PHE C 138 -42.48 9.33 7.37
C PHE C 138 -43.70 8.65 7.99
N VAL C 139 -44.45 9.38 8.82
CA VAL C 139 -45.64 8.80 9.46
C VAL C 139 -46.89 8.81 8.61
N THR C 140 -46.67 9.03 7.33
CA THR C 140 -47.67 8.93 6.27
C THR C 140 -46.80 7.86 5.64
N GLU C 141 -47.21 7.17 4.59
CA GLU C 141 -46.26 6.17 4.07
C GLU C 141 -46.30 4.92 4.99
N ARG C 142 -46.25 5.13 6.31
CA ARG C 142 -46.34 4.02 7.27
C ARG C 142 -47.03 4.45 8.57
N ALA C 143 -47.47 3.48 9.36
CA ALA C 143 -48.13 3.76 10.63
C ALA C 143 -47.11 4.13 11.72
N TYR C 144 -45.88 3.65 11.54
CA TYR C 144 -44.83 3.94 12.50
C TYR C 144 -43.69 4.69 11.81
N ALA C 145 -42.79 5.25 12.63
CA ALA C 145 -41.65 6.03 12.17
C ALA C 145 -40.72 5.44 11.11
N ALA C 146 -40.45 4.15 11.18
CA ALA C 146 -39.52 3.56 10.22
C ALA C 146 -39.87 2.16 9.79
N ALA C 147 -41.05 1.69 10.18
CA ALA C 147 -41.46 0.35 9.83
C ALA C 147 -42.96 0.22 9.99
N ASP C 148 -43.47 -0.98 9.79
CA ASP C 148 -44.89 -1.23 9.93
C ASP C 148 -45.21 -1.76 11.32
N HIS C 149 -44.38 -1.36 12.28
CA HIS C 149 -44.54 -1.67 13.68
C HIS C 149 -43.49 -0.85 14.43
N LEU C 150 -43.79 -0.53 15.68
CA LEU C 150 -42.92 0.28 16.53
C LEU C 150 -41.52 -0.26 16.72
N THR C 151 -40.53 0.64 16.61
CA THR C 151 -39.11 0.31 16.79
C THR C 151 -38.44 1.40 17.63
N VAL C 152 -37.16 1.23 17.92
CA VAL C 152 -36.43 2.22 18.72
C VAL C 152 -36.48 3.61 18.08
N ALA C 153 -36.75 3.66 16.78
CA ALA C 153 -36.82 4.94 16.11
C ALA C 153 -38.02 5.72 16.60
N ASP C 154 -39.08 5.00 16.93
CA ASP C 154 -40.32 5.59 17.41
C ASP C 154 -40.14 6.15 18.80
N ILE C 155 -39.46 5.36 19.63
CA ILE C 155 -39.20 5.73 21.01
C ILE C 155 -38.36 7.00 21.03
N CYS C 156 -37.30 7.02 20.25
CA CYS C 156 -36.44 8.20 20.19
C CYS C 156 -37.11 9.45 19.67
N LEU C 157 -37.83 9.33 18.56
CA LEU C 157 -38.51 10.48 17.96
C LEU C 157 -39.63 11.01 18.88
N LEU C 158 -40.23 10.13 19.67
CA LEU C 158 -41.27 10.54 20.61
C LEU C 158 -40.73 11.61 21.56
N GLY C 159 -39.55 11.33 22.13
CA GLY C 159 -38.94 12.27 23.04
C GLY C 159 -38.66 13.61 22.41
N THR C 160 -38.11 13.58 21.20
CA THR C 160 -37.81 14.79 20.48
C THR C 160 -39.05 15.63 20.16
N VAL C 161 -40.10 14.99 19.67
CA VAL C 161 -41.34 15.69 19.35
C VAL C 161 -42.02 16.24 20.61
N THR C 162 -42.05 15.46 21.69
CA THR C 162 -42.70 15.96 22.90
C THR C 162 -41.89 17.09 23.53
N ALA C 163 -40.63 17.22 23.14
CA ALA C 163 -39.79 18.29 23.69
C ALA C 163 -40.30 19.62 23.13
N LEU C 164 -41.11 19.53 22.08
CA LEU C 164 -41.69 20.72 21.47
C LEU C 164 -42.55 21.50 22.45
N ASN C 165 -43.08 20.80 23.46
CA ASN C 165 -43.93 21.44 24.44
C ASN C 165 -43.30 22.71 25.00
N TRP C 166 -41.99 22.66 25.25
CA TRP C 166 -41.28 23.82 25.79
C TRP C 166 -41.49 25.04 24.92
N LEU C 167 -41.61 24.82 23.61
CA LEU C 167 -41.77 25.92 22.67
C LEU C 167 -43.24 26.23 22.43
N LYS C 168 -44.12 25.40 22.97
CA LYS C 168 -45.54 25.60 22.77
C LYS C 168 -45.70 25.64 21.26
N HIS C 169 -45.05 24.69 20.58
CA HIS C 169 -45.08 24.63 19.12
C HIS C 169 -46.35 23.90 18.66
N ASP C 170 -47.19 24.62 17.92
CA ASP C 170 -48.44 24.07 17.41
C ASP C 170 -48.24 22.85 16.51
N LEU C 171 -48.84 21.72 16.88
CA LEU C 171 -48.71 20.52 16.06
C LEU C 171 -49.94 20.37 15.15
N GLU C 172 -50.74 21.43 15.08
CA GLU C 172 -51.95 21.44 14.24
C GLU C 172 -51.64 21.07 12.80
N PRO C 173 -50.64 21.73 12.19
CA PRO C 173 -50.30 21.41 10.80
C PRO C 173 -49.66 20.05 10.52
N PHE C 174 -49.68 19.12 11.48
CA PHE C 174 -49.10 17.80 11.26
C PHE C 174 -49.96 16.66 11.85
N PRO C 175 -51.08 16.33 11.17
CA PRO C 175 -52.06 15.30 11.52
C PRO C 175 -51.50 13.87 11.69
N HIS C 176 -50.62 13.47 10.78
CA HIS C 176 -50.04 12.14 10.86
C HIS C 176 -49.14 12.03 12.08
N ILE C 177 -48.51 13.15 12.46
CA ILE C 177 -47.65 13.14 13.63
C ILE C 177 -48.53 13.02 14.86
N ARG C 178 -49.67 13.70 14.84
CA ARG C 178 -50.56 13.63 15.97
C ARG C 178 -51.12 12.21 16.08
N ALA C 179 -51.50 11.61 14.96
CA ALA C 179 -52.02 10.25 14.99
C ALA C 179 -50.93 9.34 15.53
N TRP C 180 -49.73 9.52 14.99
CA TRP C 180 -48.56 8.76 15.35
C TRP C 180 -48.29 8.91 16.84
N LEU C 181 -48.31 10.15 17.33
CA LEU C 181 -48.08 10.39 18.75
C LEU C 181 -49.02 9.54 19.58
N GLU C 182 -50.30 9.50 19.20
CA GLU C 182 -51.32 8.74 19.91
C GLU C 182 -51.07 7.24 19.86
N ARG C 183 -50.72 6.74 18.67
CA ARG C 183 -50.45 5.32 18.46
C ARG C 183 -49.26 4.84 19.28
N VAL C 184 -48.16 5.59 19.26
CA VAL C 184 -46.97 5.18 20.01
C VAL C 184 -47.11 5.20 21.53
N ARG C 185 -47.61 6.30 22.07
CA ARG C 185 -47.78 6.42 23.50
C ARG C 185 -48.65 5.30 24.06
N ALA C 186 -49.64 4.87 23.28
CA ALA C 186 -50.50 3.78 23.72
C ALA C 186 -49.73 2.45 23.76
N GLU C 187 -48.54 2.40 23.17
CA GLU C 187 -47.76 1.18 23.18
C GLU C 187 -46.61 1.29 24.17
N MET C 188 -46.62 2.38 24.92
CA MET C 188 -45.63 2.64 25.96
C MET C 188 -46.37 2.41 27.29
N PRO C 189 -46.10 1.28 27.96
CA PRO C 189 -46.77 0.97 29.23
C PRO C 189 -46.69 2.08 30.27
N ASP C 190 -47.84 2.40 30.87
CA ASP C 190 -47.96 3.45 31.89
C ASP C 190 -47.36 4.76 31.43
N TYR C 191 -47.59 5.13 30.16
CA TYR C 191 -47.06 6.36 29.61
C TYR C 191 -47.52 7.59 30.39
N GLU C 192 -48.79 7.59 30.77
CA GLU C 192 -49.40 8.70 31.50
C GLU C 192 -48.72 8.97 32.85
N GLU C 193 -48.35 7.91 33.55
CA GLU C 193 -47.69 8.06 34.84
C GLU C 193 -46.31 8.66 34.59
N PHE C 194 -45.69 8.23 33.50
CA PHE C 194 -44.38 8.71 33.10
C PHE C 194 -44.45 10.21 32.80
N SER C 195 -45.42 10.59 31.99
CA SER C 195 -45.59 11.99 31.62
C SER C 195 -45.78 12.87 32.84
N LYS C 196 -46.50 12.34 33.83
CA LYS C 196 -46.75 13.06 35.09
C LYS C 196 -45.46 13.14 35.90
N GLN C 197 -44.71 12.05 35.93
CA GLN C 197 -43.46 12.04 36.68
C GLN C 197 -42.51 13.07 36.09
N VAL C 198 -42.51 13.17 34.76
CA VAL C 198 -41.68 14.12 34.05
C VAL C 198 -42.10 15.54 34.46
N ALA C 199 -43.40 15.81 34.44
CA ALA C 199 -43.92 17.11 34.84
C ALA C 199 -43.62 17.42 36.30
N ASP C 200 -43.70 16.41 37.16
CA ASP C 200 -43.42 16.61 38.57
C ASP C 200 -41.96 16.96 38.81
N ASP C 201 -41.06 16.38 38.02
CA ASP C 201 -39.63 16.66 38.15
C ASP C 201 -39.30 18.07 37.66
N THR C 202 -40.01 18.50 36.61
CA THR C 202 -39.77 19.81 36.05
C THR C 202 -40.09 20.87 37.10
N LEU C 203 -41.20 20.70 37.81
CA LEU C 203 -41.60 21.65 38.85
C LEU C 203 -40.57 21.67 39.96
N ALA C 204 -40.22 20.49 40.46
CA ALA C 204 -39.23 20.37 41.52
C ALA C 204 -37.92 21.02 41.11
N TYR C 205 -37.72 21.17 39.80
CA TYR C 205 -36.51 21.80 39.30
C TYR C 205 -36.65 23.32 39.34
N VAL C 206 -37.88 23.78 39.53
CA VAL C 206 -38.13 25.21 39.64
C VAL C 206 -37.93 25.54 41.11
N ALA C 207 -37.84 24.50 41.94
CA ALA C 207 -37.63 24.65 43.38
C ALA C 207 -36.19 24.23 43.73
N SER C 208 -35.66 23.26 42.99
CA SER C 208 -34.31 22.76 43.16
C SER C 208 -33.86 22.76 44.61
N MET D 1 -26.43 -0.43 -8.01
CA MET D 1 -26.99 0.57 -7.05
C MET D 1 -26.45 1.97 -7.35
N ASP D 2 -27.32 2.98 -7.31
CA ASP D 2 -26.88 4.34 -7.59
C ASP D 2 -26.42 5.04 -6.33
N TYR D 3 -25.51 6.00 -6.51
CA TYR D 3 -24.94 6.76 -5.40
C TYR D 3 -24.85 8.24 -5.76
N TYR D 4 -25.74 9.05 -5.21
CA TYR D 4 -25.71 10.49 -5.49
C TYR D 4 -24.73 11.12 -4.52
N TYR D 5 -23.60 11.58 -5.05
CA TYR D 5 -22.55 12.13 -4.20
C TYR D 5 -21.74 13.27 -4.83
N SER D 6 -20.71 13.66 -4.10
CA SER D 6 -19.74 14.68 -4.48
C SER D 6 -18.52 14.45 -3.58
N LEU D 7 -17.39 14.08 -4.16
CA LEU D 7 -16.21 13.83 -3.34
C LEU D 7 -15.90 14.97 -2.39
N ILE D 8 -16.29 16.19 -2.75
CA ILE D 8 -16.04 17.34 -1.88
C ILE D 8 -16.71 17.11 -0.52
N SER D 9 -17.86 16.42 -0.54
CA SER D 9 -18.63 16.13 0.66
C SER D 9 -18.03 15.06 1.54
N PRO D 10 -17.65 15.41 2.77
CA PRO D 10 -17.07 14.41 3.66
C PRO D 10 -18.01 13.22 3.89
N PRO D 11 -19.31 13.48 4.13
CA PRO D 11 -20.28 12.40 4.35
C PRO D 11 -20.32 11.41 3.21
N CYS D 12 -20.17 11.91 1.98
CA CYS D 12 -20.18 11.04 0.81
C CYS D 12 -18.96 10.12 0.71
N GLN D 13 -17.82 10.58 1.22
CA GLN D 13 -16.60 9.78 1.16
C GLN D 13 -16.71 8.42 1.83
N SER D 14 -17.34 8.41 3.01
CA SER D 14 -17.51 7.19 3.79
C SER D 14 -17.89 5.95 3.03
N ALA D 15 -19.01 6.01 2.31
CA ALA D 15 -19.49 4.85 1.57
C ALA D 15 -18.57 4.47 0.41
N ILE D 16 -17.92 5.47 -0.17
CA ILE D 16 -17.00 5.20 -1.27
C ILE D 16 -15.84 4.34 -0.78
N LEU D 17 -15.24 4.73 0.35
CA LEU D 17 -14.13 3.97 0.92
C LEU D 17 -14.56 2.58 1.36
N LEU D 18 -15.77 2.47 1.89
CA LEU D 18 -16.31 1.20 2.34
C LEU D 18 -16.44 0.25 1.15
N ALA D 19 -17.08 0.73 0.08
CA ALA D 19 -17.30 -0.06 -1.13
C ALA D 19 -16.01 -0.65 -1.67
N LYS D 20 -14.93 0.13 -1.63
CA LYS D 20 -13.63 -0.33 -2.09
C LYS D 20 -13.23 -1.47 -1.17
N LYS D 21 -13.31 -1.21 0.14
CA LYS D 21 -12.98 -2.19 1.17
C LYS D 21 -13.72 -3.50 0.89
N LEU D 22 -15.02 -3.40 0.63
CA LEU D 22 -15.84 -4.59 0.39
C LEU D 22 -15.87 -5.07 -1.04
N GLY D 23 -15.29 -4.28 -1.95
CA GLY D 23 -15.28 -4.66 -3.35
C GLY D 23 -16.66 -4.54 -3.97
N ILE D 24 -17.36 -3.47 -3.64
CA ILE D 24 -18.71 -3.23 -4.15
C ILE D 24 -18.65 -2.13 -5.19
N THR D 25 -19.30 -2.32 -6.33
CA THR D 25 -19.30 -1.29 -7.36
C THR D 25 -20.44 -0.31 -7.12
N LEU D 26 -20.14 0.98 -7.18
CA LEU D 26 -21.16 1.99 -6.98
C LEU D 26 -21.40 2.73 -8.29
N ASN D 27 -22.66 2.91 -8.67
CA ASN D 27 -22.95 3.66 -9.90
C ASN D 27 -22.89 5.11 -9.48
N LEU D 28 -21.71 5.69 -9.55
CA LEU D 28 -21.54 7.08 -9.14
C LEU D 28 -22.31 8.06 -10.00
N LYS D 29 -23.09 8.90 -9.32
CA LYS D 29 -23.87 9.93 -9.99
C LYS D 29 -23.54 11.26 -9.36
N LYS D 30 -22.46 11.87 -9.85
CA LYS D 30 -22.00 13.16 -9.35
C LYS D 30 -23.21 14.07 -9.26
N THR D 31 -23.43 14.64 -8.09
CA THR D 31 -24.59 15.48 -7.83
C THR D 31 -24.29 16.87 -7.28
N ASN D 32 -25.03 17.85 -7.77
CA ASN D 32 -24.91 19.23 -7.30
C ASN D 32 -26.24 19.55 -6.62
N VAL D 33 -26.27 19.43 -5.30
CA VAL D 33 -27.48 19.69 -4.53
C VAL D 33 -28.03 21.09 -4.72
N HIS D 34 -27.14 22.07 -4.87
CA HIS D 34 -27.55 23.47 -5.05
C HIS D 34 -28.29 23.74 -6.36
N ASP D 35 -28.21 22.80 -7.30
CA ASP D 35 -28.86 22.94 -8.60
C ASP D 35 -30.32 22.45 -8.57
N PRO D 36 -31.27 23.34 -8.88
CA PRO D 36 -32.71 23.03 -8.91
C PRO D 36 -33.12 21.72 -9.57
N VAL D 37 -32.66 21.47 -10.79
CA VAL D 37 -33.04 20.24 -11.48
C VAL D 37 -32.50 18.98 -10.81
N GLU D 38 -31.25 19.02 -10.37
CA GLU D 38 -30.64 17.86 -9.72
C GLU D 38 -31.31 17.67 -8.36
N ARG D 39 -31.48 18.77 -7.65
CA ARG D 39 -32.11 18.74 -6.34
C ARG D 39 -33.52 18.17 -6.44
N ASP D 40 -34.32 18.80 -7.29
CA ASP D 40 -35.71 18.40 -7.50
C ASP D 40 -35.83 16.95 -7.95
N ALA D 41 -34.87 16.48 -8.74
CA ALA D 41 -34.88 15.11 -9.19
C ALA D 41 -34.51 14.17 -8.05
N LEU D 42 -33.67 14.67 -7.14
CA LEU D 42 -33.21 13.90 -6.00
C LEU D 42 -34.36 13.80 -5.02
N THR D 43 -35.05 14.91 -4.84
CA THR D 43 -36.18 14.98 -3.93
C THR D 43 -37.22 13.88 -4.15
N LYS D 44 -37.33 13.36 -5.37
CA LYS D 44 -38.29 12.30 -5.62
C LYS D 44 -37.81 10.99 -5.05
N LEU D 45 -36.53 10.93 -4.70
CA LEU D 45 -35.95 9.70 -4.16
C LEU D 45 -35.73 9.80 -2.67
N ASN D 46 -35.23 10.96 -2.25
CA ASN D 46 -34.92 11.27 -0.87
C ASN D 46 -35.58 12.61 -0.64
N PRO D 47 -36.69 12.63 0.10
CA PRO D 47 -37.44 13.85 0.39
C PRO D 47 -36.62 14.93 1.10
N GLN D 48 -35.55 14.49 1.76
CA GLN D 48 -34.68 15.41 2.48
C GLN D 48 -33.63 15.99 1.53
N HIS D 49 -33.54 15.41 0.33
CA HIS D 49 -32.60 15.80 -0.71
C HIS D 49 -31.21 16.19 -0.21
N THR D 50 -30.54 15.22 0.39
CA THR D 50 -29.18 15.40 0.89
C THR D 50 -28.36 14.32 0.23
N ILE D 51 -27.05 14.57 0.11
CA ILE D 51 -26.14 13.56 -0.42
C ILE D 51 -25.25 13.31 0.78
N PRO D 52 -24.77 12.07 0.96
CA PRO D 52 -25.02 10.91 0.12
C PRO D 52 -26.41 10.32 0.16
N THR D 53 -26.84 9.78 -0.97
CA THR D 53 -28.11 9.09 -1.09
C THR D 53 -27.76 7.86 -1.90
N LEU D 54 -28.25 6.70 -1.47
CA LEU D 54 -28.03 5.44 -2.16
C LEU D 54 -29.39 4.94 -2.65
N VAL D 55 -29.40 4.27 -3.81
CA VAL D 55 -30.63 3.71 -4.35
C VAL D 55 -30.25 2.36 -4.92
N ASP D 56 -30.57 1.32 -4.17
CA ASP D 56 -30.23 -0.05 -4.51
C ASP D 56 -31.41 -0.85 -4.99
N ASN D 57 -31.57 -0.93 -6.31
CA ASN D 57 -32.69 -1.67 -6.87
C ASN D 57 -33.99 -1.16 -6.29
N GLY D 58 -34.15 0.16 -6.30
CA GLY D 58 -35.36 0.77 -5.79
C GLY D 58 -35.39 1.09 -4.31
N HIS D 59 -34.48 0.50 -3.52
CA HIS D 59 -34.45 0.75 -2.08
C HIS D 59 -33.60 1.99 -1.78
N VAL D 60 -34.25 3.03 -1.27
CA VAL D 60 -33.57 4.29 -0.96
C VAL D 60 -32.97 4.30 0.44
N VAL D 61 -31.75 4.84 0.54
CA VAL D 61 -31.07 4.93 1.82
C VAL D 61 -30.26 6.22 1.85
N TRP D 62 -30.49 7.09 2.83
CA TRP D 62 -29.70 8.31 2.95
C TRP D 62 -29.14 8.38 4.38
N GLU D 63 -28.31 9.39 4.65
CA GLU D 63 -27.59 9.55 5.91
C GLU D 63 -26.40 8.63 5.68
N SER D 64 -25.21 9.20 5.55
CA SER D 64 -24.00 8.40 5.28
C SER D 64 -23.87 7.16 6.16
N TYR D 65 -24.23 7.29 7.43
CA TYR D 65 -24.12 6.18 8.38
C TYR D 65 -25.03 5.01 8.08
N ALA D 66 -26.30 5.29 7.79
CA ALA D 66 -27.25 4.24 7.48
C ALA D 66 -26.77 3.52 6.22
N ILE D 67 -26.32 4.31 5.24
CA ILE D 67 -25.82 3.78 3.97
C ILE D 67 -24.71 2.77 4.22
N VAL D 68 -23.75 3.19 5.03
CA VAL D 68 -22.61 2.36 5.38
C VAL D 68 -23.02 1.08 6.10
N LEU D 69 -23.89 1.21 7.10
CA LEU D 69 -24.34 0.05 7.85
C LEU D 69 -25.09 -0.91 6.93
N TYR D 70 -25.92 -0.33 6.06
CA TYR D 70 -26.70 -1.10 5.09
C TYR D 70 -25.78 -1.91 4.17
N LEU D 71 -24.76 -1.24 3.66
CA LEU D 71 -23.82 -1.91 2.76
C LEU D 71 -23.11 -3.06 3.46
N VAL D 72 -22.69 -2.87 4.70
CA VAL D 72 -22.01 -3.95 5.42
C VAL D 72 -22.95 -5.12 5.67
N GLU D 73 -24.08 -4.83 6.31
CA GLU D 73 -25.05 -5.86 6.61
C GLU D 73 -25.58 -6.58 5.39
N THR D 74 -25.62 -5.89 4.24
CA THR D 74 -26.14 -6.55 3.04
C THR D 74 -25.08 -7.22 2.16
N TYR D 75 -23.92 -6.61 2.05
CA TYR D 75 -22.90 -7.16 1.16
C TYR D 75 -21.62 -7.76 1.74
N ALA D 76 -21.32 -7.52 3.00
CA ALA D 76 -20.10 -8.09 3.57
C ALA D 76 -20.29 -9.57 3.86
N LYS D 77 -19.22 -10.34 3.75
CA LYS D 77 -19.31 -11.78 4.00
C LYS D 77 -19.22 -12.09 5.47
N ASP D 78 -18.93 -11.07 6.28
CA ASP D 78 -18.80 -11.24 7.71
C ASP D 78 -19.04 -9.93 8.48
N ASP D 79 -19.08 -10.02 9.82
CA ASP D 79 -19.36 -8.86 10.66
C ASP D 79 -18.12 -8.08 11.11
N THR D 80 -16.97 -8.33 10.52
CA THR D 80 -15.78 -7.63 10.95
C THR D 80 -15.91 -6.10 10.91
N LEU D 81 -16.56 -5.55 9.90
CA LEU D 81 -16.67 -4.10 9.81
C LEU D 81 -17.72 -3.50 10.73
N TYR D 82 -18.51 -4.35 11.34
CA TYR D 82 -19.57 -3.91 12.25
C TYR D 82 -19.96 -5.11 13.13
N PRO D 83 -19.08 -5.44 14.09
CA PRO D 83 -19.22 -6.54 15.04
C PRO D 83 -20.62 -6.68 15.61
N LYS D 84 -21.12 -7.90 15.65
CA LYS D 84 -22.44 -8.15 16.20
C LYS D 84 -22.39 -8.21 17.73
N ASP D 85 -21.19 -8.35 18.27
CA ASP D 85 -21.02 -8.38 19.72
C ASP D 85 -21.52 -7.07 20.32
N PRO D 86 -22.60 -7.14 21.11
CA PRO D 86 -23.23 -6.00 21.77
C PRO D 86 -22.27 -5.03 22.46
N LYS D 87 -21.35 -5.58 23.24
CA LYS D 87 -20.38 -4.75 23.96
C LYS D 87 -19.52 -3.96 22.99
N VAL D 88 -19.12 -4.60 21.90
CA VAL D 88 -18.30 -3.91 20.92
C VAL D 88 -19.15 -2.98 20.03
N ARG D 89 -20.33 -3.46 19.64
CA ARG D 89 -21.19 -2.66 18.79
C ARG D 89 -21.68 -1.36 19.45
N SER D 90 -21.80 -1.37 20.77
CA SER D 90 -22.26 -0.17 21.49
C SER D 90 -21.22 0.95 21.43
N VAL D 91 -19.94 0.57 21.34
CA VAL D 91 -18.87 1.56 21.28
C VAL D 91 -18.77 2.08 19.84
N VAL D 92 -19.01 1.21 18.88
CA VAL D 92 -18.97 1.61 17.49
C VAL D 92 -20.13 2.60 17.29
N ASN D 93 -21.30 2.23 17.80
CA ASN D 93 -22.48 3.08 17.66
C ASN D 93 -22.26 4.42 18.34
N GLN D 94 -21.65 4.41 19.51
CA GLN D 94 -21.42 5.67 20.21
C GLN D 94 -20.47 6.58 19.41
N ARG D 95 -19.45 6.02 18.78
CA ARG D 95 -18.53 6.85 17.99
C ARG D 95 -19.24 7.37 16.74
N LEU D 96 -20.15 6.59 16.18
CA LEU D 96 -20.88 7.05 15.00
C LEU D 96 -21.71 8.28 15.34
N PHE D 97 -22.38 8.25 16.49
CA PHE D 97 -23.20 9.38 16.92
C PHE D 97 -22.32 10.52 17.41
N PHE D 98 -21.12 10.18 17.90
CA PHE D 98 -20.15 11.16 18.35
C PHE D 98 -19.72 11.91 17.08
N ASP D 99 -19.53 11.13 16.02
CA ASP D 99 -19.11 11.72 14.77
C ASP D 99 -20.14 12.72 14.23
N ILE D 100 -21.39 12.29 14.07
CA ILE D 100 -22.38 13.21 13.53
C ILE D 100 -22.79 14.33 14.48
N GLY D 101 -23.08 13.97 15.74
CA GLY D 101 -23.52 14.95 16.69
C GLY D 101 -22.48 15.77 17.43
N THR D 102 -21.21 15.37 17.42
CA THR D 102 -20.21 16.14 18.14
C THR D 102 -19.04 16.64 17.29
N LEU D 103 -18.21 15.70 16.83
CA LEU D 103 -17.02 16.07 16.06
C LEU D 103 -17.26 16.68 14.69
N TYR D 104 -17.87 15.95 13.77
CA TYR D 104 -18.10 16.53 12.45
C TYR D 104 -18.95 17.78 12.54
N LYS D 105 -19.94 17.76 13.42
CA LYS D 105 -20.81 18.92 13.57
C LYS D 105 -19.98 20.16 13.86
N ARG D 106 -19.13 20.07 14.87
CA ARG D 106 -18.28 21.20 15.24
C ARG D 106 -17.30 21.59 14.14
N ILE D 107 -16.73 20.61 13.46
CA ILE D 107 -15.80 20.92 12.39
C ILE D 107 -16.53 21.66 11.27
N ILE D 108 -17.52 21.01 10.68
CA ILE D 108 -18.27 21.61 9.59
C ILE D 108 -18.88 22.96 9.95
N ASP D 109 -19.27 23.15 11.20
CA ASP D 109 -19.83 24.45 11.59
C ASP D 109 -18.72 25.47 11.42
N VAL D 110 -17.51 25.09 11.81
CA VAL D 110 -16.37 25.98 11.70
C VAL D 110 -16.00 26.17 10.23
N ILE D 111 -16.07 25.09 9.45
CA ILE D 111 -15.77 25.15 8.03
C ILE D 111 -16.77 26.03 7.31
N HIS D 112 -18.05 25.94 7.69
CA HIS D 112 -19.07 26.74 7.05
C HIS D 112 -18.73 28.21 7.17
N LEU D 113 -18.28 28.63 8.36
CA LEU D 113 -17.90 30.01 8.57
C LEU D 113 -16.70 30.34 7.68
N VAL D 114 -15.74 29.41 7.65
CA VAL D 114 -14.53 29.58 6.85
C VAL D 114 -14.78 29.37 5.36
N MET D 115 -15.76 30.12 4.85
CA MET D 115 -16.12 30.08 3.44
C MET D 115 -17.24 31.10 3.26
N LYS D 116 -17.90 31.40 4.36
CA LYS D 116 -18.98 32.38 4.39
C LYS D 116 -18.33 33.72 4.73
N LYS D 117 -17.01 33.74 4.73
CA LYS D 117 -16.24 34.95 5.06
C LYS D 117 -16.50 35.35 6.51
N GLU D 118 -16.92 34.37 7.30
CA GLU D 118 -17.22 34.58 8.72
C GLU D 118 -16.23 33.79 9.56
N GLN D 119 -16.15 34.08 10.85
CA GLN D 119 -15.20 33.39 11.72
C GLN D 119 -15.73 32.76 13.01
N PRO D 120 -15.19 31.58 13.36
CA PRO D 120 -15.51 30.76 14.54
C PRO D 120 -15.32 31.45 15.89
N SER D 121 -16.35 31.37 16.72
CA SER D 121 -16.31 31.95 18.06
C SER D 121 -15.01 31.58 18.74
N ASP D 122 -14.54 32.45 19.63
CA ASP D 122 -13.30 32.23 20.33
C ASP D 122 -13.38 31.04 21.27
N GLU D 123 -14.48 30.30 21.18
CA GLU D 123 -14.67 29.14 22.03
C GLU D 123 -15.25 27.95 21.30
N GLN D 124 -15.71 28.18 20.06
CA GLN D 124 -16.23 27.08 19.26
C GLN D 124 -15.01 26.23 18.97
N MET D 125 -13.85 26.89 18.93
CA MET D 125 -12.59 26.22 18.68
C MET D 125 -12.29 25.32 19.87
N GLU D 126 -12.61 25.80 21.07
CA GLU D 126 -12.39 25.03 22.28
C GLU D 126 -13.23 23.76 22.19
N LYS D 127 -14.52 23.92 21.89
CA LYS D 127 -15.38 22.74 21.75
C LYS D 127 -14.79 21.85 20.68
N LEU D 128 -14.27 22.46 19.61
CA LEU D 128 -13.65 21.69 18.54
C LEU D 128 -12.48 20.94 19.16
N LYS D 129 -11.70 21.67 19.95
CA LYS D 129 -10.54 21.09 20.61
C LYS D 129 -10.98 19.96 21.52
N GLY D 130 -12.07 20.21 22.24
CA GLY D 130 -12.60 19.21 23.14
C GLY D 130 -13.00 17.94 22.43
N ALA D 131 -13.63 18.08 21.27
CA ALA D 131 -14.07 16.93 20.51
C ALA D 131 -12.84 16.14 20.04
N LEU D 132 -11.82 16.86 19.59
CA LEU D 132 -10.60 16.22 19.12
C LEU D 132 -9.86 15.54 20.28
N ASP D 133 -9.86 16.15 21.47
CA ASP D 133 -9.20 15.53 22.61
C ASP D 133 -9.90 14.19 22.85
N LEU D 134 -11.20 14.15 22.56
CA LEU D 134 -11.98 12.94 22.75
C LEU D 134 -11.52 11.84 21.83
N LEU D 135 -11.42 12.15 20.54
CA LEU D 135 -10.96 11.15 19.59
C LEU D 135 -9.55 10.72 19.99
N GLU D 136 -8.71 11.69 20.38
CA GLU D 136 -7.35 11.33 20.79
C GLU D 136 -7.41 10.21 21.84
N GLN D 137 -8.19 10.41 22.89
CA GLN D 137 -8.33 9.42 23.95
C GLN D 137 -8.77 8.08 23.39
N PHE D 138 -9.80 8.10 22.55
CA PHE D 138 -10.32 6.88 21.95
C PHE D 138 -9.22 6.11 21.25
N VAL D 139 -8.39 6.83 20.47
CA VAL D 139 -7.31 6.17 19.73
C VAL D 139 -6.04 5.92 20.55
N THR D 140 -6.19 6.08 21.85
CA THR D 140 -5.16 5.71 22.82
C THR D 140 -6.21 4.73 23.35
N GLU D 141 -5.97 4.00 24.41
CA GLU D 141 -7.03 3.08 24.85
C GLU D 141 -7.17 1.93 23.84
N ARG D 142 -7.20 2.24 22.55
CA ARG D 142 -7.26 1.21 21.50
C ARG D 142 -6.52 1.72 20.26
N ALA D 143 -6.15 0.80 19.36
CA ALA D 143 -5.45 1.15 18.13
C ALA D 143 -6.49 1.61 17.12
N TYR D 144 -7.73 1.15 17.27
CA TYR D 144 -8.76 1.58 16.35
C TYR D 144 -9.81 2.41 17.08
N ALA D 145 -10.48 3.26 16.32
CA ALA D 145 -11.49 4.18 16.83
C ALA D 145 -12.50 3.65 17.82
N ALA D 146 -12.90 2.39 17.66
CA ALA D 146 -13.93 1.86 18.56
C ALA D 146 -13.78 0.39 18.88
N ALA D 147 -12.75 -0.24 18.35
CA ALA D 147 -12.57 -1.66 18.60
C ALA D 147 -11.11 -1.99 18.46
N ASP D 148 -10.78 -3.28 18.56
CA ASP D 148 -9.39 -3.67 18.43
C ASP D 148 -9.05 -4.04 17.01
N HIS D 149 -9.86 -3.52 16.09
CA HIS D 149 -9.68 -3.70 14.67
C HIS D 149 -10.58 -2.68 13.98
N LEU D 150 -10.25 -2.33 12.73
CA LEU D 150 -11.00 -1.35 11.97
C LEU D 150 -12.46 -1.71 11.68
N THR D 151 -13.35 -0.76 11.97
CA THR D 151 -14.80 -0.88 11.74
C THR D 151 -15.30 0.33 10.94
N VAL D 152 -16.62 0.45 10.72
CA VAL D 152 -17.16 1.60 9.99
C VAL D 152 -16.86 2.91 10.72
N ALA D 153 -16.81 2.86 12.05
CA ALA D 153 -16.51 4.06 12.85
C ALA D 153 -15.21 4.69 12.36
N ASP D 154 -14.22 3.85 12.08
CA ASP D 154 -12.92 4.35 11.59
C ASP D 154 -13.10 5.02 10.24
N ILE D 155 -13.93 4.43 9.40
CA ILE D 155 -14.16 4.98 8.07
C ILE D 155 -14.87 6.33 8.09
N CYS D 156 -15.84 6.50 8.98
CA CYS D 156 -16.56 7.77 9.04
C CYS D 156 -15.71 8.83 9.70
N LEU D 157 -15.04 8.46 10.79
CA LEU D 157 -14.17 9.39 11.51
C LEU D 157 -12.99 9.81 10.63
N LEU D 158 -12.49 8.91 9.80
CA LEU D 158 -11.39 9.27 8.91
C LEU D 158 -11.83 10.46 8.05
N GLY D 159 -12.97 10.33 7.39
CA GLY D 159 -13.47 11.43 6.55
C GLY D 159 -13.60 12.75 7.28
N THR D 160 -14.11 12.68 8.50
CA THR D 160 -14.30 13.86 9.35
C THR D 160 -12.98 14.53 9.73
N VAL D 161 -12.00 13.72 10.14
CA VAL D 161 -10.71 14.27 10.51
C VAL D 161 -9.99 14.82 9.29
N THR D 162 -10.02 14.11 8.17
CA THR D 162 -9.36 14.59 6.98
C THR D 162 -9.94 15.94 6.57
N ALA D 163 -11.23 16.16 6.84
CA ALA D 163 -11.89 17.41 6.49
C ALA D 163 -11.30 18.60 7.27
N LEU D 164 -10.49 18.32 8.29
CA LEU D 164 -9.86 19.37 9.07
C LEU D 164 -8.86 20.13 8.19
N ASN D 165 -8.34 19.43 7.17
CA ASN D 165 -7.37 20.04 6.27
C ASN D 165 -7.91 21.32 5.66
N TRP D 166 -9.21 21.33 5.40
CA TRP D 166 -9.86 22.50 4.82
C TRP D 166 -9.64 23.72 5.70
N LEU D 167 -9.12 23.49 6.91
CA LEU D 167 -8.85 24.58 7.84
C LEU D 167 -7.37 24.66 8.19
N LYS D 168 -6.60 23.68 7.72
CA LYS D 168 -5.17 23.66 8.02
C LYS D 168 -5.05 23.65 9.55
N HIS D 169 -5.88 22.83 10.18
CA HIS D 169 -5.88 22.68 11.62
C HIS D 169 -4.65 21.87 11.99
N ASP D 170 -3.93 22.33 13.00
CA ASP D 170 -2.71 21.65 13.44
C ASP D 170 -2.97 20.35 14.20
N LEU D 171 -2.64 19.23 13.58
CA LEU D 171 -2.85 17.93 14.20
C LEU D 171 -1.64 17.53 15.05
N GLU D 172 -0.78 18.51 15.33
CA GLU D 172 0.42 18.26 16.14
C GLU D 172 0.10 17.77 17.54
N PRO D 173 -0.79 18.49 18.26
CA PRO D 173 -1.14 18.06 19.61
C PRO D 173 -1.99 16.80 19.69
N PHE D 174 -2.10 16.07 18.59
CA PHE D 174 -2.90 14.85 18.57
C PHE D 174 -2.14 13.70 17.92
N PRO D 175 -1.00 13.31 18.51
CA PRO D 175 -0.12 12.23 18.04
C PRO D 175 -0.85 10.91 17.79
N HIS D 176 -1.70 10.53 18.74
CA HIS D 176 -2.46 9.31 18.60
C HIS D 176 -3.38 9.34 17.39
N ILE D 177 -3.96 10.51 17.12
CA ILE D 177 -4.83 10.62 15.96
C ILE D 177 -3.96 10.42 14.70
N ARG D 178 -2.78 11.05 14.70
CA ARG D 178 -1.87 10.93 13.56
C ARG D 178 -1.47 9.48 13.37
N ALA D 179 -1.10 8.81 14.45
CA ALA D 179 -0.75 7.40 14.37
C ALA D 179 -1.98 6.64 13.87
N TRP D 180 -3.16 7.09 14.31
CA TRP D 180 -4.42 6.47 13.91
C TRP D 180 -4.69 6.64 12.42
N LEU D 181 -4.48 7.85 11.90
CA LEU D 181 -4.69 8.13 10.48
C LEU D 181 -3.82 7.22 9.63
N GLU D 182 -2.54 7.18 9.99
CA GLU D 182 -1.56 6.36 9.30
C GLU D 182 -1.98 4.91 9.23
N ARG D 183 -2.37 4.32 10.36
CA ARG D 183 -2.78 2.91 10.37
C ARG D 183 -4.07 2.68 9.56
N VAL D 184 -5.07 3.54 9.76
CA VAL D 184 -6.34 3.43 9.04
C VAL D 184 -6.20 3.63 7.53
N ARG D 185 -5.60 4.75 7.13
CA ARG D 185 -5.40 5.04 5.73
C ARG D 185 -4.63 3.93 5.06
N ALA D 186 -3.79 3.23 5.82
CA ALA D 186 -3.02 2.14 5.22
C ALA D 186 -3.89 0.91 4.98
N GLU D 187 -5.07 0.86 5.61
CA GLU D 187 -5.97 -0.29 5.41
C GLU D 187 -7.06 0.04 4.39
N MET D 188 -6.97 1.22 3.81
CA MET D 188 -7.91 1.68 2.78
C MET D 188 -7.28 1.41 1.40
N PRO D 189 -7.70 0.34 0.71
CA PRO D 189 -7.17 0.00 -0.63
C PRO D 189 -7.09 1.17 -1.62
N ASP D 190 -5.90 1.40 -2.17
CA ASP D 190 -5.68 2.48 -3.13
C ASP D 190 -6.22 3.80 -2.58
N TYR D 191 -5.83 4.10 -1.35
CA TYR D 191 -6.27 5.32 -0.70
C TYR D 191 -5.66 6.55 -1.37
N GLU D 192 -4.45 6.37 -1.90
CA GLU D 192 -3.70 7.42 -2.57
C GLU D 192 -4.44 8.01 -3.78
N GLU D 193 -5.00 7.13 -4.60
CA GLU D 193 -5.74 7.55 -5.79
C GLU D 193 -7.03 8.24 -5.41
N PHE D 194 -7.60 7.85 -4.27
CA PHE D 194 -8.84 8.44 -3.77
C PHE D 194 -8.56 9.89 -3.41
N SER D 195 -7.55 10.10 -2.59
CA SER D 195 -7.18 11.45 -2.17
C SER D 195 -7.01 12.36 -3.37
N LYS D 196 -6.29 11.86 -4.38
CA LYS D 196 -6.04 12.64 -5.59
C LYS D 196 -7.35 13.09 -6.20
N GLN D 197 -8.25 12.14 -6.40
CA GLN D 197 -9.56 12.46 -6.98
C GLN D 197 -10.31 13.52 -6.18
N VAL D 198 -10.17 13.46 -4.85
CA VAL D 198 -10.81 14.43 -3.97
C VAL D 198 -10.29 15.83 -4.26
N ALA D 199 -9.00 15.92 -4.55
CA ALA D 199 -8.37 17.20 -4.84
C ALA D 199 -8.74 17.74 -6.22
N ASP D 200 -8.84 16.86 -7.22
CA ASP D 200 -9.20 17.29 -8.56
C ASP D 200 -10.60 17.89 -8.59
N ASP D 201 -11.55 17.18 -7.98
CA ASP D 201 -12.92 17.65 -7.96
C ASP D 201 -13.11 18.86 -7.07
N THR D 202 -12.34 18.95 -5.99
CA THR D 202 -12.45 20.10 -5.11
C THR D 202 -12.03 21.33 -5.89
N LEU D 203 -10.86 21.27 -6.50
CA LEU D 203 -10.36 22.38 -7.30
C LEU D 203 -11.34 22.65 -8.44
N ALA D 204 -11.91 21.58 -8.99
CA ALA D 204 -12.88 21.69 -10.07
C ALA D 204 -14.02 22.60 -9.59
N TYR D 205 -14.44 22.38 -8.35
CA TYR D 205 -15.51 23.17 -7.77
C TYR D 205 -15.12 24.64 -7.71
N VAL D 206 -13.96 24.91 -7.12
CA VAL D 206 -13.47 26.28 -7.00
C VAL D 206 -13.30 26.97 -8.35
N ALA D 207 -12.92 26.19 -9.37
CA ALA D 207 -12.73 26.74 -10.71
C ALA D 207 -14.02 27.38 -11.23
N SER D 208 -15.14 26.71 -10.96
CA SER D 208 -16.43 27.21 -11.41
C SER D 208 -17.12 27.98 -10.28
#